data_2FEF
#
_entry.id   2FEF
#
_cell.length_a   118.588
_cell.length_b   118.588
_cell.length_c   144.318
_cell.angle_alpha   90.00
_cell.angle_beta   90.00
_cell.angle_gamma   90.00
#
_symmetry.space_group_name_H-M   'P 43 21 2'
#
loop_
_entity.id
_entity.type
_entity.pdbx_description
1 polymer 'hypothetical protein PA2201'
2 non-polymer 1,2-ETHANEDIOL
3 water water
#
_entity_poly.entity_id   1
_entity_poly.type   'polypeptide(L)'
_entity_poly.pdbx_seq_one_letter_code
;(MSE)HAFPLTLDNRLAEALPLWRNLARTDRAPRRNIDLADWKADWRELIAALDRFSRSHGYRQPFAAQGHAALENAWAW
GQAAENASTLLLKAIDRGLAGAELRSIYLETAALWLDYSRLLGAARDSLREQGEVDFETAPALAPRTGQYPFALQLLA
(MSE)GVLLDAQELIPALVEEVLQFDTDRLLDYLGAAALGLTSASEETFHPRPFGQLRAFFEEADGSDAQALAPYLQSQY
REFFQLSPKAQKKTRRLTGPYAWGWWA(MSE)EVSALGVLYGWDDGVLRASPHYLGDLVDYARARGDA
;
_entity_poly.pdbx_strand_id   A,B,C
#
loop_
_chem_comp.id
_chem_comp.type
_chem_comp.name
_chem_comp.formula
EDO non-polymer 1,2-ETHANEDIOL 'C2 H6 O2'
#
# COMPACT_ATOMS: atom_id res chain seq x y z
N LEU A 6 -13.72 15.90 21.12
CA LEU A 6 -13.30 14.46 21.11
C LEU A 6 -11.82 14.32 21.46
N THR A 7 -11.48 13.30 22.25
CA THR A 7 -10.10 13.07 22.63
C THR A 7 -9.65 11.69 22.12
N LEU A 8 -8.41 11.62 21.61
CA LEU A 8 -7.91 10.38 20.97
C LEU A 8 -6.77 9.74 21.74
N ASP A 9 -6.91 8.46 22.02
CA ASP A 9 -5.99 7.77 22.92
C ASP A 9 -4.79 7.07 22.29
N ASN A 10 -4.85 6.81 20.99
CA ASN A 10 -3.76 6.06 20.37
C ASN A 10 -2.44 6.87 20.37
N ARG A 11 -1.32 6.16 20.38
CA ARG A 11 -0.02 6.80 20.18
C ARG A 11 0.73 6.02 19.10
N LEU A 12 0.08 5.85 17.97
CA LEU A 12 0.57 4.96 16.92
C LEU A 12 1.92 5.39 16.35
N ALA A 13 2.11 6.68 16.12
CA ALA A 13 3.39 7.15 15.55
C ALA A 13 4.59 6.85 16.45
N GLU A 14 4.38 6.94 17.77
CA GLU A 14 5.44 6.59 18.74
C GLU A 14 5.70 5.08 18.78
N ALA A 15 4.66 4.26 18.61
CA ALA A 15 4.78 2.82 18.75
C ALA A 15 5.47 2.16 17.59
N LEU A 16 5.21 2.63 16.36
CA LEU A 16 5.76 2.01 15.15
C LEU A 16 7.28 1.65 15.16
N PRO A 17 8.17 2.62 15.49
CA PRO A 17 9.60 2.25 15.48
C PRO A 17 9.91 1.09 16.45
N LEU A 18 9.23 1.05 17.60
CA LEU A 18 9.33 -0.04 18.56
C LEU A 18 8.86 -1.36 18.00
N TRP A 19 7.68 -1.33 17.39
CA TRP A 19 7.15 -2.53 16.74
C TRP A 19 8.04 -3.11 15.66
N ARG A 20 8.62 -2.29 14.77
CA ARG A 20 9.44 -2.94 13.74
C ARG A 20 10.66 -3.62 14.35
N ASN A 21 11.06 -3.13 15.52
CA ASN A 21 12.13 -3.69 16.34
C ASN A 21 11.83 -5.11 16.85
N LEU A 22 10.55 -5.44 17.01
CA LEU A 22 10.16 -6.71 17.61
C LEU A 22 10.51 -7.92 16.72
N ALA A 23 10.72 -7.69 15.43
CA ALA A 23 11.14 -8.76 14.53
C ALA A 23 12.53 -9.30 14.88
N ARG A 24 13.23 -8.53 15.70
CA ARG A 24 14.58 -8.85 16.13
C ARG A 24 14.56 -9.73 17.38
N THR A 25 13.37 -10.15 17.82
CA THR A 25 13.20 -11.02 19.01
C THR A 25 14.04 -12.31 19.02
N ASP A 26 14.49 -12.69 20.22
CA ASP A 26 15.13 -13.97 20.47
C ASP A 26 14.15 -15.11 20.77
N ARG A 27 12.84 -14.81 20.93
CA ARG A 27 11.85 -15.84 21.31
C ARG A 27 11.59 -16.85 20.18
N ALA A 28 11.22 -18.08 20.54
CA ALA A 28 10.73 -19.07 19.55
C ALA A 28 9.22 -18.85 19.25
N PRO A 29 8.80 -19.08 17.99
CA PRO A 29 7.38 -19.03 17.60
C PRO A 29 6.50 -19.97 18.45
N ARG A 30 5.21 -19.64 18.58
CA ARG A 30 4.27 -20.41 19.39
C ARG A 30 3.65 -21.59 18.63
N ARG A 31 3.87 -21.63 17.32
CA ARG A 31 3.45 -22.75 16.45
C ARG A 31 4.42 -22.77 15.28
N ASN A 32 4.40 -23.84 14.49
CA ASN A 32 5.21 -23.92 13.29
C ASN A 32 4.81 -22.85 12.29
N ILE A 33 5.73 -21.93 12.06
CA ILE A 33 5.57 -20.89 11.07
C ILE A 33 6.81 -20.80 10.19
N ASP A 34 6.65 -20.19 9.02
CA ASP A 34 7.78 -19.88 8.17
C ASP A 34 8.26 -18.47 8.48
N LEU A 35 9.46 -18.35 9.05
CA LEU A 35 9.98 -17.06 9.53
C LEU A 35 10.14 -16.02 8.43
N ALA A 36 10.55 -16.46 7.24
CA ALA A 36 10.66 -15.56 6.07
C ALA A 36 9.31 -14.99 5.68
N ASP A 37 8.29 -15.85 5.59
CA ASP A 37 6.93 -15.41 5.30
C ASP A 37 6.41 -14.53 6.41
N TRP A 38 6.67 -14.93 7.66
CA TRP A 38 6.23 -14.13 8.82
C TRP A 38 6.80 -12.70 8.75
N LYS A 39 8.11 -12.60 8.52
CA LYS A 39 8.78 -11.30 8.44
C LYS A 39 8.20 -10.41 7.33
N ALA A 40 7.97 -10.97 6.15
CA ALA A 40 7.33 -10.21 5.07
C ALA A 40 5.91 -9.72 5.42
N ASP A 41 5.14 -10.58 6.09
CA ASP A 41 3.81 -10.22 6.59
C ASP A 41 3.89 -9.09 7.62
N TRP A 42 4.87 -9.19 8.52
CA TRP A 42 5.07 -8.20 9.57
C TRP A 42 5.43 -6.84 8.96
N ARG A 43 6.44 -6.84 8.08
CA ARG A 43 6.81 -5.64 7.30
C ARG A 43 5.62 -5.00 6.57
N GLU A 44 4.77 -5.82 5.95
CA GLU A 44 3.54 -5.33 5.29
C GLU A 44 2.57 -4.62 6.21
N LEU A 45 2.28 -5.23 7.37
CA LEU A 45 1.40 -4.57 8.33
C LEU A 45 2.03 -3.30 8.88
N ILE A 46 3.30 -3.38 9.26
CA ILE A 46 4.04 -2.18 9.75
C ILE A 46 4.01 -1.06 8.69
N ALA A 47 4.28 -1.39 7.43
CA ALA A 47 4.20 -0.42 6.34
C ALA A 47 2.81 0.22 6.18
N ALA A 48 1.76 -0.60 6.25
CA ALA A 48 0.40 -0.05 6.14
C ALA A 48 0.07 0.92 7.30
N LEU A 49 0.45 0.54 8.52
CA LEU A 49 0.24 1.39 9.69
C LEU A 49 1.06 2.67 9.63
N ASP A 50 2.30 2.54 9.16
CA ASP A 50 3.16 3.71 8.93
C ASP A 50 2.53 4.67 7.92
N ARG A 51 2.11 4.15 6.77
CA ARG A 51 1.45 5.00 5.77
CA ARG A 51 1.42 4.97 5.76
C ARG A 51 0.20 5.69 6.35
N PHE A 52 -0.62 4.96 7.10
CA PHE A 52 -1.76 5.55 7.77
C PHE A 52 -1.33 6.65 8.75
N SER A 53 -0.31 6.39 9.56
CA SER A 53 0.22 7.41 10.50
C SER A 53 0.75 8.70 9.81
N ARG A 54 1.08 8.59 8.54
CA ARG A 54 1.58 9.77 7.82
C ARG A 54 0.47 10.46 6.99
N SER A 55 -0.74 9.90 7.03
CA SER A 55 -1.85 10.39 6.20
C SER A 55 -2.47 11.61 6.83
N HIS A 56 -3.04 12.47 5.98
CA HIS A 56 -3.71 13.70 6.51
C HIS A 56 -4.88 13.36 7.48
N GLY A 57 -5.62 12.31 7.16
CA GLY A 57 -6.76 11.80 8.00
C GLY A 57 -6.38 11.36 9.40
N TYR A 58 -5.16 10.84 9.55
CA TYR A 58 -4.65 10.51 10.89
C TYR A 58 -4.09 11.77 11.58
N ARG A 59 -3.30 12.57 10.85
CA ARG A 59 -2.63 13.72 11.44
C ARG A 59 -3.58 14.85 11.80
N GLN A 60 -4.67 14.99 11.05
CA GLN A 60 -5.59 16.12 11.26
C GLN A 60 -6.99 15.55 11.21
N PRO A 61 -7.37 14.70 12.20
CA PRO A 61 -8.60 13.92 12.17
C PRO A 61 -9.89 14.74 12.36
N PHE A 62 -9.76 15.98 12.80
CA PHE A 62 -10.94 16.76 13.08
C PHE A 62 -11.16 17.78 11.98
N ALA A 63 -10.31 17.71 10.94
CA ALA A 63 -10.38 18.68 9.84
C ALA A 63 -11.59 18.42 8.94
N ALA A 64 -11.76 17.16 8.52
CA ALA A 64 -12.87 16.77 7.65
C ALA A 64 -14.22 16.83 8.39
N GLN A 65 -15.26 17.25 7.68
CA GLN A 65 -16.63 17.33 8.22
C GLN A 65 -17.60 16.51 7.36
N GLY A 66 -18.76 16.16 7.90
CA GLY A 66 -19.81 15.48 7.11
C GLY A 66 -19.39 14.14 6.49
N HIS A 67 -19.64 13.95 5.20
CA HIS A 67 -19.26 12.67 4.55
CA HIS A 67 -19.28 12.69 4.53
C HIS A 67 -17.75 12.45 4.48
N ALA A 68 -16.98 13.51 4.36
CA ALA A 68 -15.51 13.38 4.36
C ALA A 68 -15.03 12.86 5.72
N ALA A 69 -15.71 13.29 6.79
CA ALA A 69 -15.39 12.81 8.14
C ALA A 69 -15.72 11.33 8.28
N LEU A 70 -16.80 10.89 7.62
CA LEU A 70 -17.19 9.49 7.64
C LEU A 70 -16.17 8.64 6.87
N GLU A 71 -15.70 9.16 5.73
CA GLU A 71 -14.71 8.39 4.94
C GLU A 71 -13.41 8.28 5.74
N ASN A 72 -13.09 9.32 6.49
CA ASN A 72 -11.89 9.31 7.32
C ASN A 72 -12.02 8.28 8.41
N ALA A 73 -13.20 8.23 9.07
CA ALA A 73 -13.44 7.21 10.08
C ALA A 73 -13.23 5.81 9.53
N TRP A 74 -13.74 5.53 8.35
CA TRP A 74 -13.48 4.20 7.73
C TRP A 74 -12.00 3.84 7.61
N ALA A 75 -11.17 4.84 7.28
CA ALA A 75 -9.73 4.59 7.18
C ALA A 75 -9.12 4.21 8.57
N TRP A 76 -9.61 4.86 9.63
CA TRP A 76 -9.21 4.52 11.00
C TRP A 76 -9.63 3.11 11.33
N GLY A 77 -10.82 2.72 10.83
CA GLY A 77 -11.37 1.37 11.06
C GLY A 77 -10.48 0.32 10.40
N GLN A 78 -9.97 0.63 9.22
CA GLN A 78 -9.04 -0.34 8.59
C GLN A 78 -7.67 -0.40 9.29
N ALA A 79 -7.17 0.76 9.76
CA ALA A 79 -5.95 0.77 10.58
C ALA A 79 -6.15 -0.06 11.86
N ALA A 80 -7.31 0.09 12.49
CA ALA A 80 -7.57 -0.72 13.70
C ALA A 80 -7.50 -2.24 13.37
N GLU A 81 -8.09 -2.64 12.24
CA GLU A 81 -8.02 -4.04 11.81
C GLU A 81 -6.59 -4.45 11.57
N ASN A 82 -5.82 -3.59 10.92
CA ASN A 82 -4.37 -3.87 10.70
C ASN A 82 -3.59 -4.07 12.02
N ALA A 83 -3.90 -3.24 13.01
CA ALA A 83 -3.29 -3.37 14.34
C ALA A 83 -3.73 -4.69 15.01
N SER A 84 -4.99 -5.09 14.83
CA SER A 84 -5.42 -6.41 15.33
C SER A 84 -4.66 -7.55 14.64
N THR A 85 -4.40 -7.40 13.34
CA THR A 85 -3.64 -8.47 12.64
C THR A 85 -2.17 -8.48 13.06
N LEU A 86 -1.61 -7.28 13.28
CA LEU A 86 -0.27 -7.19 13.82
C LEU A 86 -0.19 -7.89 15.18
N LEU A 87 -1.19 -7.70 16.04
CA LEU A 87 -1.22 -8.42 17.33
C LEU A 87 -1.20 -9.95 17.13
N LEU A 88 -2.07 -10.45 16.26
CA LEU A 88 -2.10 -11.88 15.94
C LEU A 88 -0.75 -12.40 15.42
N LYS A 89 -0.12 -11.66 14.50
CA LYS A 89 1.21 -12.08 14.01
C LYS A 89 2.24 -12.12 15.13
N ALA A 90 2.14 -11.16 16.07
CA ALA A 90 3.06 -11.15 17.22
C ALA A 90 2.83 -12.34 18.15
N ILE A 91 1.59 -12.77 18.28
CA ILE A 91 1.29 -13.99 19.06
C ILE A 91 1.94 -15.23 18.38
N ASP A 92 1.73 -15.36 17.07
CA ASP A 92 2.38 -16.42 16.30
C ASP A 92 3.89 -16.45 16.49
N ARG A 93 4.49 -15.26 16.47
CA ARG A 93 5.95 -15.13 16.50
C ARG A 93 6.58 -15.54 17.82
N GLY A 94 5.80 -15.53 18.89
CA GLY A 94 6.32 -15.93 20.19
C GLY A 94 6.65 -14.77 21.10
N LEU A 95 6.31 -13.55 20.69
CA LEU A 95 6.54 -12.37 21.55
C LEU A 95 5.86 -12.58 22.89
N ALA A 96 6.58 -12.25 23.96
CA ALA A 96 6.14 -12.53 25.30
C ALA A 96 5.00 -11.59 25.68
N GLY A 97 4.34 -11.91 26.80
CA GLY A 97 3.19 -11.13 27.31
C GLY A 97 3.44 -9.65 27.38
N ALA A 98 4.56 -9.20 27.97
CA ALA A 98 4.79 -7.74 28.10
C ALA A 98 4.78 -7.02 26.74
N GLU A 99 5.40 -7.63 25.73
CA GLU A 99 5.47 -7.03 24.39
C GLU A 99 4.12 -7.04 23.70
N LEU A 100 3.41 -8.14 23.83
CA LEU A 100 2.06 -8.24 23.28
C LEU A 100 1.15 -7.19 23.93
N ARG A 101 1.33 -7.02 25.25
CA ARG A 101 0.53 -6.01 25.98
C ARG A 101 0.67 -4.62 25.38
N SER A 102 1.90 -4.18 25.07
CA SER A 102 2.11 -2.86 24.52
C SER A 102 1.45 -2.71 23.12
N ILE A 103 1.42 -3.79 22.33
CA ILE A 103 0.71 -3.77 21.06
C ILE A 103 -0.79 -3.72 21.31
N TYR A 104 -1.27 -4.54 22.24
CA TYR A 104 -2.69 -4.63 22.51
C TYR A 104 -3.24 -3.27 22.97
N LEU A 105 -2.51 -2.57 23.83
CA LEU A 105 -3.00 -1.22 24.26
C LEU A 105 -3.25 -0.27 23.09
N GLU A 106 -2.34 -0.28 22.12
CA GLU A 106 -2.51 0.51 20.90
C GLU A 106 -3.61 0.02 19.98
N THR A 107 -3.75 -1.30 19.86
CA THR A 107 -4.83 -1.93 19.11
C THR A 107 -6.17 -1.48 19.69
N ALA A 108 -6.32 -1.64 21.00
CA ALA A 108 -7.60 -1.25 21.64
C ALA A 108 -7.78 0.24 21.47
N ALA A 109 -6.71 1.02 21.61
CA ALA A 109 -6.87 2.49 21.47
C ALA A 109 -7.32 2.88 20.06
N LEU A 110 -6.79 2.17 19.05
CA LEU A 110 -7.19 2.50 17.66
C LEU A 110 -8.63 2.11 17.42
N TRP A 111 -9.09 0.97 17.96
CA TRP A 111 -10.51 0.61 17.80
C TRP A 111 -11.40 1.66 18.50
N LEU A 112 -11.00 2.07 19.70
CA LEU A 112 -11.79 3.09 20.43
C LEU A 112 -11.80 4.44 19.67
N ASP A 113 -10.63 4.86 19.20
CA ASP A 113 -10.53 6.11 18.43
C ASP A 113 -11.34 6.04 17.16
N TYR A 114 -11.21 4.92 16.42
CA TYR A 114 -12.11 4.65 15.29
C TYR A 114 -13.60 4.85 15.66
N SER A 115 -14.06 4.20 16.73
CA SER A 115 -15.47 4.30 17.11
CA SER A 115 -15.47 4.30 17.13
C SER A 115 -15.89 5.73 17.45
N ARG A 116 -14.96 6.49 18.04
CA ARG A 116 -15.24 7.89 18.44
C ARG A 116 -15.37 8.78 17.23
N LEU A 117 -14.46 8.61 16.26
CA LEU A 117 -14.52 9.34 15.01
C LEU A 117 -15.76 8.99 14.16
N LEU A 118 -16.11 7.71 14.15
CA LEU A 118 -17.30 7.25 13.45
C LEU A 118 -18.51 7.97 14.03
N GLY A 119 -18.61 7.97 15.36
CA GLY A 119 -19.75 8.59 16.08
C GLY A 119 -19.82 10.09 15.82
N ALA A 120 -18.66 10.74 15.80
CA ALA A 120 -18.55 12.18 15.55
C ALA A 120 -18.94 12.56 14.12
N ALA A 121 -18.52 11.75 13.14
CA ALA A 121 -18.91 11.91 11.73
C ALA A 121 -20.44 11.73 11.58
N ARG A 122 -20.98 10.73 12.26
CA ARG A 122 -22.42 10.49 12.21
C ARG A 122 -23.19 11.65 12.85
N ASP A 123 -22.60 12.24 13.89
CA ASP A 123 -23.17 13.44 14.53
C ASP A 123 -23.09 14.68 13.62
N SER A 124 -21.95 14.86 12.96
CA SER A 124 -21.74 15.95 11.99
C SER A 124 -22.77 15.86 10.86
N LEU A 125 -23.02 14.66 10.36
CA LEU A 125 -24.01 14.45 9.31
C LEU A 125 -25.45 14.78 9.73
N ARG A 126 -25.88 14.30 10.90
CA ARG A 126 -27.26 14.48 11.34
C ARG A 126 -27.52 15.93 11.78
N GLU A 127 -26.45 16.65 12.08
CA GLU A 127 -26.51 18.09 12.35
C GLU A 127 -26.40 18.91 11.07
N GLN A 128 -25.93 18.25 9.99
CA GLN A 128 -25.92 18.84 8.65
C GLN A 128 -27.24 18.58 7.90
N GLY A 129 -28.21 17.99 8.60
CA GLY A 129 -29.52 17.65 8.03
C GLY A 129 -29.48 16.58 6.95
N GLU A 134 -25.40 4.02 7.17
CA GLU A 134 -25.16 2.87 8.04
C GLU A 134 -25.25 3.26 9.50
N THR A 135 -25.87 2.41 10.29
CA THR A 135 -26.13 2.67 11.71
C THR A 135 -25.36 1.67 12.60
N ALA A 136 -24.68 0.73 11.94
CA ALA A 136 -24.01 -0.38 12.61
C ALA A 136 -22.85 0.10 13.50
N PRO A 137 -22.65 -0.56 14.63
CA PRO A 137 -21.49 -0.18 15.46
C PRO A 137 -20.14 -0.31 14.74
N ALA A 138 -19.11 0.29 15.33
CA ALA A 138 -17.77 0.18 14.81
C ALA A 138 -17.42 -1.28 14.58
N LEU A 139 -17.85 -2.17 15.49
CA LEU A 139 -17.63 -3.61 15.31
C LEU A 139 -18.96 -4.27 15.59
N ALA A 140 -19.49 -4.96 14.58
CA ALA A 140 -20.77 -5.65 14.68
C ALA A 140 -20.56 -7.17 14.86
N PRO A 141 -20.60 -7.66 16.11
CA PRO A 141 -20.21 -9.05 16.36
C PRO A 141 -21.17 -10.12 15.77
N ARG A 142 -22.40 -9.74 15.38
CA ARG A 142 -23.32 -10.70 14.72
C ARG A 142 -22.90 -11.08 13.30
N THR A 143 -21.95 -10.33 12.75
CA THR A 143 -21.47 -10.51 11.39
C THR A 143 -20.11 -11.23 11.43
N GLY A 144 -19.46 -11.35 10.27
CA GLY A 144 -18.11 -11.94 10.20
C GLY A 144 -17.03 -11.16 10.95
N GLN A 145 -17.39 -10.02 11.56
CA GLN A 145 -16.46 -9.20 12.36
CA GLN A 145 -16.40 -9.26 12.33
C GLN A 145 -16.24 -9.79 13.76
N TYR A 146 -17.06 -10.78 14.16
CA TYR A 146 -16.93 -11.36 15.51
C TYR A 146 -15.47 -11.64 15.96
N PRO A 147 -14.60 -12.21 15.08
CA PRO A 147 -13.23 -12.50 15.56
C PRO A 147 -12.47 -11.29 16.12
N PHE A 148 -12.75 -10.08 15.62
CA PHE A 148 -12.07 -8.88 16.16
C PHE A 148 -12.59 -8.59 17.56
N ALA A 149 -13.89 -8.85 17.79
CA ALA A 149 -14.50 -8.67 19.12
C ALA A 149 -13.94 -9.69 20.10
N LEU A 150 -13.84 -10.94 19.65
CA LEU A 150 -13.23 -12.00 20.44
C LEU A 150 -11.80 -11.62 20.77
N GLN A 151 -11.02 -11.16 19.79
CA GLN A 151 -9.63 -10.79 20.08
C GLN A 151 -9.55 -9.68 21.14
N LEU A 152 -10.34 -8.62 20.94
CA LEU A 152 -10.32 -7.50 21.86
C LEU A 152 -10.62 -7.87 23.30
N LEU A 153 -11.63 -8.70 23.53
CA LEU A 153 -11.97 -9.10 24.91
C LEU A 153 -11.06 -10.19 25.43
N ALA A 154 -10.76 -11.19 24.60
CA ALA A 154 -9.94 -12.31 25.07
C ALA A 154 -8.51 -11.87 25.32
N MSE A 155 -7.95 -11.03 24.44
CA MSE A 155 -6.57 -10.61 24.65
C MSE A 155 -6.50 -9.58 25.78
O MSE A 155 -5.48 -9.47 26.44
CB MSE A 155 -5.88 -10.11 23.38
CG MSE A 155 -5.87 -11.13 22.25
SE MSE A 155 -5.08 -12.87 22.76
CE MSE A 155 -6.53 -13.77 23.56
N GLY A 156 -7.61 -8.87 26.02
CA GLY A 156 -7.75 -8.00 27.22
C GLY A 156 -7.54 -8.79 28.50
N VAL A 157 -8.16 -9.96 28.57
CA VAL A 157 -8.00 -10.87 29.71
C VAL A 157 -6.59 -11.46 29.76
N LEU A 158 -6.15 -12.02 28.64
CA LEU A 158 -4.87 -12.73 28.53
C LEU A 158 -3.64 -11.85 28.69
N LEU A 159 -3.81 -10.53 28.56
CA LEU A 159 -2.69 -9.64 28.71
C LEU A 159 -2.87 -8.75 29.94
N ASP A 160 -3.74 -9.14 30.86
CA ASP A 160 -3.98 -8.32 32.07
C ASP A 160 -4.23 -6.84 31.75
N ALA A 161 -5.09 -6.61 30.75
CA ALA A 161 -5.45 -5.26 30.36
C ALA A 161 -6.98 -5.13 30.30
N GLN A 162 -7.66 -5.76 31.28
CA GLN A 162 -9.13 -5.75 31.33
C GLN A 162 -9.71 -4.37 31.65
N GLU A 163 -8.87 -3.41 32.08
CA GLU A 163 -9.34 -2.03 32.23
C GLU A 163 -9.91 -1.46 30.91
N LEU A 164 -9.53 -2.04 29.76
CA LEU A 164 -10.01 -1.57 28.45
C LEU A 164 -11.39 -2.14 28.07
N ILE A 165 -11.78 -3.23 28.72
CA ILE A 165 -12.98 -3.98 28.34
C ILE A 165 -14.27 -3.16 28.43
N PRO A 166 -14.53 -2.48 29.57
CA PRO A 166 -15.79 -1.71 29.61
C PRO A 166 -15.92 -0.67 28.48
N ALA A 167 -14.88 0.14 28.24
CA ALA A 167 -14.91 1.09 27.11
C ALA A 167 -15.13 0.40 25.77
N LEU A 168 -14.44 -0.71 25.53
CA LEU A 168 -14.56 -1.42 24.27
C LEU A 168 -15.98 -1.92 24.10
N VAL A 169 -16.56 -2.47 25.16
CA VAL A 169 -17.92 -3.01 25.00
C VAL A 169 -18.95 -1.89 24.73
N GLU A 170 -18.83 -0.82 25.52
CA GLU A 170 -19.70 0.33 25.34
C GLU A 170 -19.54 1.01 23.97
N GLU A 171 -18.32 1.36 23.60
CA GLU A 171 -18.08 2.25 22.44
C GLU A 171 -17.93 1.50 21.12
N VAL A 172 -17.19 0.40 21.14
CA VAL A 172 -16.85 -0.36 19.92
C VAL A 172 -17.95 -1.37 19.54
N LEU A 173 -18.44 -2.10 20.55
CA LEU A 173 -19.55 -3.05 20.36
C LEU A 173 -20.95 -2.50 20.59
N GLN A 174 -21.03 -1.30 21.18
CA GLN A 174 -22.29 -0.74 21.62
C GLN A 174 -23.18 -1.78 22.30
N PHE A 175 -22.53 -2.57 23.15
CA PHE A 175 -23.19 -3.57 24.00
C PHE A 175 -23.84 -4.74 23.25
N ASP A 176 -23.48 -4.96 21.99
CA ASP A 176 -24.11 -6.01 21.21
C ASP A 176 -23.29 -7.27 21.35
N THR A 177 -23.41 -7.91 22.52
CA THR A 177 -22.54 -9.03 22.91
C THR A 177 -23.39 -10.29 22.98
N ASP A 178 -22.77 -11.43 22.71
CA ASP A 178 -23.46 -12.68 22.89
C ASP A 178 -22.90 -13.35 24.16
N ARG A 179 -23.35 -14.57 24.42
CA ARG A 179 -23.01 -15.28 25.65
C ARG A 179 -21.49 -15.34 25.90
N LEU A 180 -20.73 -15.81 24.91
CA LEU A 180 -19.26 -15.92 25.10
C LEU A 180 -18.63 -14.55 25.40
N LEU A 181 -19.02 -13.51 24.66
CA LEU A 181 -18.45 -12.19 24.92
C LEU A 181 -18.81 -11.66 26.30
N ASP A 182 -20.01 -11.95 26.78
CA ASP A 182 -20.43 -11.56 28.11
C ASP A 182 -19.59 -12.33 29.15
N TYR A 183 -19.29 -13.59 28.89
CA TYR A 183 -18.44 -14.36 29.80
C TYR A 183 -17.03 -13.80 29.85
N LEU A 184 -16.49 -13.41 28.70
CA LEU A 184 -15.15 -12.84 28.67
C LEU A 184 -15.07 -11.46 29.38
N GLY A 185 -16.16 -10.71 29.38
CA GLY A 185 -16.20 -9.40 30.07
C GLY A 185 -16.77 -9.41 31.47
N ALA A 186 -17.13 -10.61 31.95
CA ALA A 186 -17.84 -10.76 33.23
C ALA A 186 -17.10 -10.21 34.44
N ALA A 187 -15.80 -10.42 34.56
CA ALA A 187 -15.05 -9.76 35.66
C ALA A 187 -15.05 -8.24 35.53
N ALA A 188 -14.90 -7.72 34.31
CA ALA A 188 -14.81 -6.29 34.07
C ALA A 188 -16.15 -5.58 34.22
N LEU A 189 -17.23 -6.26 33.80
CA LEU A 189 -18.59 -5.70 33.77
C LEU A 189 -19.66 -6.39 34.66
N GLY A 190 -19.31 -7.49 35.33
CA GLY A 190 -20.34 -8.21 36.08
C GLY A 190 -21.10 -9.20 35.21
N LEU A 191 -21.62 -10.22 35.86
CA LEU A 191 -22.40 -11.22 35.17
C LEU A 191 -23.76 -11.13 35.85
N THR A 192 -24.52 -10.10 35.47
CA THR A 192 -25.96 -10.13 35.66
C THR A 192 -26.44 -11.10 34.57
N SER A 193 -27.48 -10.71 33.83
CA SER A 193 -27.90 -11.48 32.67
C SER A 193 -26.83 -11.43 31.57
N ALA A 194 -25.97 -12.45 31.55
CA ALA A 194 -25.17 -12.77 30.36
C ALA A 194 -26.12 -13.30 29.27
N SER A 195 -25.99 -12.76 28.05
CA SER A 195 -26.82 -13.16 26.89
C SER A 195 -27.05 -14.68 26.82
N GLU A 196 -28.19 -15.09 26.25
CA GLU A 196 -28.46 -16.51 25.99
C GLU A 196 -28.10 -16.87 24.56
N GLU A 197 -27.82 -15.82 23.76
CA GLU A 197 -27.53 -15.97 22.33
C GLU A 197 -26.12 -16.44 22.07
N THR A 198 -25.96 -17.15 20.96
CA THR A 198 -24.66 -17.46 20.34
C THR A 198 -24.70 -16.96 18.90
N PHE A 199 -23.89 -15.96 18.58
CA PHE A 199 -23.93 -15.37 17.24
C PHE A 199 -23.37 -16.27 16.14
N HIS A 200 -22.39 -17.10 16.49
CA HIS A 200 -21.73 -18.03 15.53
C HIS A 200 -21.66 -19.45 16.07
N PRO A 201 -22.73 -20.23 15.80
CA PRO A 201 -22.84 -21.60 16.31
C PRO A 201 -21.63 -22.49 16.03
N ARG A 202 -20.89 -22.21 14.96
CA ARG A 202 -19.68 -22.97 14.64
C ARG A 202 -18.49 -22.00 14.61
N PRO A 203 -17.56 -22.13 15.57
CA PRO A 203 -17.53 -23.22 16.58
C PRO A 203 -18.25 -23.01 17.94
N PHE A 204 -18.78 -21.81 18.20
CA PHE A 204 -19.11 -21.41 19.59
C PHE A 204 -20.33 -22.06 20.25
N GLY A 205 -21.19 -22.65 19.45
CA GLY A 205 -22.31 -23.44 20.00
C GLY A 205 -21.83 -24.63 20.80
N GLN A 206 -20.61 -25.08 20.50
CA GLN A 206 -20.02 -26.25 21.18
C GLN A 206 -19.53 -25.92 22.60
N LEU A 207 -19.68 -24.64 23.00
CA LEU A 207 -19.47 -24.22 24.39
C LEU A 207 -20.73 -24.34 25.27
N ARG A 208 -21.86 -24.71 24.67
CA ARG A 208 -23.14 -24.79 25.39
C ARG A 208 -23.07 -25.67 26.63
N ALA A 209 -22.46 -26.85 26.50
CA ALA A 209 -22.26 -27.75 27.64
C ALA A 209 -21.56 -27.02 28.79
N PHE A 210 -20.40 -26.43 28.51
CA PHE A 210 -19.64 -25.64 29.48
C PHE A 210 -20.48 -24.53 30.15
N PHE A 211 -21.18 -23.71 29.37
CA PHE A 211 -21.96 -22.58 29.91
C PHE A 211 -23.17 -22.97 30.77
N GLU A 212 -23.72 -24.14 30.50
CA GLU A 212 -24.97 -24.56 31.15
C GLU A 212 -24.77 -25.62 32.22
N GLU A 213 -23.81 -26.52 32.00
CA GLU A 213 -23.48 -27.58 32.94
C GLU A 213 -22.26 -27.24 33.81
N ALA A 214 -21.28 -26.55 33.23
N SER A 217 -14.93 -24.64 37.42
CA SER A 217 -14.66 -25.77 38.31
C SER A 217 -13.67 -26.81 37.74
N ASP A 218 -13.92 -27.26 36.51
CA ASP A 218 -13.07 -28.25 35.85
C ASP A 218 -12.81 -27.86 34.41
N ALA A 219 -11.52 -27.79 34.06
CA ALA A 219 -11.06 -27.42 32.72
C ALA A 219 -11.37 -28.50 31.67
N GLN A 220 -11.58 -29.75 32.13
CA GLN A 220 -11.90 -30.86 31.23
C GLN A 220 -13.15 -30.61 30.39
N ALA A 221 -14.04 -29.75 30.88
CA ALA A 221 -15.23 -29.31 30.12
C ALA A 221 -14.93 -28.75 28.72
N LEU A 222 -13.74 -28.18 28.56
CA LEU A 222 -13.33 -27.52 27.31
C LEU A 222 -12.33 -28.33 26.51
N ALA A 223 -11.97 -29.51 27.04
CA ALA A 223 -11.01 -30.39 26.37
C ALA A 223 -11.50 -30.93 25.02
N PRO A 224 -12.75 -31.44 24.94
CA PRO A 224 -13.20 -31.90 23.62
C PRO A 224 -13.36 -30.73 22.64
N TYR A 225 -13.90 -29.61 23.11
CA TYR A 225 -13.96 -28.38 22.32
C TYR A 225 -12.64 -28.06 21.58
N LEU A 226 -11.50 -28.13 22.28
CA LEU A 226 -10.17 -27.85 21.66
C LEU A 226 -9.75 -28.85 20.60
N GLN A 227 -10.11 -30.12 20.82
CA GLN A 227 -9.72 -31.17 19.90
C GLN A 227 -10.59 -31.06 18.65
N SER A 228 -11.90 -30.98 18.89
CA SER A 228 -12.91 -30.98 17.84
C SER A 228 -13.01 -29.66 17.07
N GLN A 229 -12.98 -28.53 17.78
CA GLN A 229 -13.14 -27.20 17.11
C GLN A 229 -11.80 -26.56 16.67
N TYR A 230 -10.70 -27.11 17.18
CA TYR A 230 -9.38 -26.58 16.85
C TYR A 230 -8.44 -27.62 16.22
N ARG A 231 -8.04 -28.63 17.00
CA ARG A 231 -7.03 -29.59 16.49
C ARG A 231 -7.58 -30.24 15.24
N GLU A 232 -8.81 -30.77 15.31
CA GLU A 232 -9.43 -31.45 14.17
C GLU A 232 -9.76 -30.54 12.97
N PHE A 233 -10.08 -29.29 13.24
CA PHE A 233 -10.33 -28.34 12.18
C PHE A 233 -9.06 -27.96 11.44
N PHE A 234 -8.00 -27.57 12.16
CA PHE A 234 -6.79 -27.11 11.49
C PHE A 234 -5.94 -28.24 10.88
N GLN A 235 -6.35 -29.49 11.11
CA GLN A 235 -5.78 -30.70 10.47
C GLN A 235 -6.17 -30.78 8.99
N LEU A 236 -7.28 -30.11 8.66
CA LEU A 236 -7.90 -30.22 7.35
C LEU A 236 -7.16 -29.36 6.32
N SER A 237 -7.19 -29.78 5.06
CA SER A 237 -6.78 -28.87 3.98
C SER A 237 -7.58 -27.56 4.01
N PRO A 238 -7.01 -26.46 3.50
CA PRO A 238 -7.83 -25.24 3.44
C PRO A 238 -9.16 -25.51 2.73
N LYS A 239 -9.16 -26.36 1.69
CA LYS A 239 -10.37 -26.70 0.97
C LYS A 239 -11.42 -27.41 1.86
N ALA A 240 -10.98 -28.43 2.60
CA ALA A 240 -11.83 -29.12 3.58
C ALA A 240 -12.31 -28.20 4.71
N GLN A 241 -11.46 -27.28 5.13
CA GLN A 241 -11.82 -26.33 6.19
C GLN A 241 -13.02 -25.49 5.74
N LYS A 242 -13.00 -25.05 4.50
CA LYS A 242 -14.03 -24.15 3.99
C LYS A 242 -15.41 -24.83 3.94
N LYS A 243 -15.39 -26.12 3.63
CA LYS A 243 -16.60 -26.96 3.58
C LYS A 243 -17.32 -27.17 4.91
N THR A 244 -16.61 -27.04 6.04
CA THR A 244 -17.23 -27.25 7.36
C THR A 244 -18.15 -26.10 7.76
N ARG A 245 -17.94 -24.94 7.16
CA ARG A 245 -18.68 -23.70 7.46
C ARG A 245 -18.39 -23.12 8.86
N ARG A 246 -17.33 -23.60 9.51
CA ARG A 246 -16.85 -22.97 10.74
C ARG A 246 -16.41 -21.53 10.51
N LEU A 247 -16.78 -20.64 11.44
CA LEU A 247 -16.29 -19.27 11.34
C LEU A 247 -14.80 -19.32 11.50
N THR A 248 -14.08 -18.52 10.70
CA THR A 248 -12.63 -18.34 10.89
C THR A 248 -12.36 -16.83 10.97
N GLY A 249 -11.16 -16.46 11.43
CA GLY A 249 -10.84 -15.03 11.53
C GLY A 249 -9.37 -14.87 11.29
N PRO A 250 -8.93 -15.03 10.02
CA PRO A 250 -7.50 -14.95 9.70
C PRO A 250 -6.86 -13.59 10.00
N TYR A 251 -7.66 -12.55 10.20
CA TYR A 251 -7.14 -11.23 10.53
C TYR A 251 -7.01 -10.93 12.03
N ALA A 252 -7.63 -11.72 12.91
CA ALA A 252 -7.51 -11.41 14.34
C ALA A 252 -7.35 -12.59 15.29
N TRP A 253 -7.79 -13.78 14.87
CA TRP A 253 -8.03 -14.89 15.79
C TRP A 253 -7.17 -16.09 15.40
N GLY A 254 -7.25 -16.49 14.14
CA GLY A 254 -6.35 -17.47 13.56
C GLY A 254 -6.40 -18.82 14.26
N TRP A 255 -5.21 -19.32 14.56
CA TRP A 255 -4.94 -20.63 15.12
C TRP A 255 -5.40 -20.73 16.57
N TRP A 256 -5.61 -19.59 17.23
CA TRP A 256 -5.60 -19.54 18.70
C TRP A 256 -6.95 -19.68 19.38
N ALA A 257 -7.04 -20.65 20.28
CA ALA A 257 -8.19 -20.84 21.12
C ALA A 257 -8.18 -19.79 22.26
N MSE A 258 -8.35 -18.53 21.85
CA MSE A 258 -8.27 -17.37 22.73
C MSE A 258 -9.35 -17.37 23.79
O MSE A 258 -9.13 -16.84 24.89
CB MSE A 258 -8.46 -16.11 21.90
CG MSE A 258 -7.26 -15.72 21.14
SE MSE A 258 -7.71 -14.21 19.96
CE MSE A 258 -5.95 -14.20 19.07
N GLU A 259 -10.54 -17.84 23.40
CA GLU A 259 -11.68 -17.93 24.31
C GLU A 259 -11.35 -18.89 25.45
N VAL A 260 -10.88 -20.09 25.11
CA VAL A 260 -10.57 -21.12 26.11
C VAL A 260 -9.47 -20.64 27.07
N SER A 261 -8.47 -19.99 26.50
CA SER A 261 -7.30 -19.53 27.24
C SER A 261 -7.73 -18.41 28.22
N ALA A 262 -8.55 -17.47 27.72
CA ALA A 262 -9.01 -16.38 28.57
C ALA A 262 -9.90 -16.91 29.70
N LEU A 263 -10.74 -17.89 29.39
CA LEU A 263 -11.58 -18.47 30.43
C LEU A 263 -10.70 -19.11 31.52
N GLY A 264 -9.56 -19.67 31.13
CA GLY A 264 -8.57 -20.17 32.09
C GLY A 264 -8.23 -19.12 33.15
N VAL A 265 -7.92 -17.92 32.68
CA VAL A 265 -7.58 -16.77 33.54
C VAL A 265 -8.76 -16.32 34.39
N LEU A 266 -9.95 -16.30 33.79
CA LEU A 266 -11.16 -15.86 34.49
C LEU A 266 -11.59 -16.86 35.58
N TYR A 267 -11.54 -18.15 35.27
CA TYR A 267 -11.98 -19.18 36.20
C TYR A 267 -10.94 -19.66 37.20
N GLY A 268 -9.67 -19.54 36.85
CA GLY A 268 -8.59 -19.87 37.77
C GLY A 268 -8.34 -21.35 37.98
N TRP A 269 -8.97 -22.21 37.17
CA TRP A 269 -8.77 -23.64 37.41
C TRP A 269 -7.44 -24.21 36.90
N ASP A 270 -7.15 -25.44 37.29
CA ASP A 270 -5.97 -26.17 36.85
C ASP A 270 -6.17 -26.54 35.38
N ASP A 271 -5.43 -25.87 34.50
CA ASP A 271 -5.65 -26.00 33.06
C ASP A 271 -4.75 -27.06 32.40
N GLY A 272 -4.14 -27.91 33.22
CA GLY A 272 -3.25 -28.97 32.75
C GLY A 272 -3.71 -29.71 31.50
N VAL A 273 -4.91 -30.27 31.53
CA VAL A 273 -5.44 -31.02 30.38
C VAL A 273 -5.53 -30.19 29.09
N LEU A 274 -5.49 -28.86 29.25
CA LEU A 274 -5.61 -27.94 28.10
C LEU A 274 -4.29 -27.59 27.43
N ARG A 275 -3.18 -27.65 28.18
CA ARG A 275 -1.84 -27.29 27.65
C ARG A 275 -1.32 -28.38 26.69
N ALA A 276 -2.01 -29.52 26.67
CA ALA A 276 -1.82 -30.55 25.64
C ALA A 276 -2.18 -30.05 24.24
N SER A 277 -2.94 -28.95 24.16
CA SER A 277 -3.36 -28.44 22.85
C SER A 277 -2.32 -27.50 22.26
N PRO A 278 -1.97 -27.67 20.97
CA PRO A 278 -1.08 -26.67 20.35
C PRO A 278 -1.78 -25.31 20.15
N HIS A 279 -3.09 -25.25 20.41
CA HIS A 279 -3.91 -24.04 20.21
C HIS A 279 -4.18 -23.27 21.50
N TYR A 280 -3.67 -23.79 22.61
CA TYR A 280 -3.84 -23.19 23.92
C TYR A 280 -2.72 -22.20 24.24
N LEU A 281 -3.07 -21.05 24.81
CA LEU A 281 -2.07 -20.02 25.11
C LEU A 281 -1.66 -20.05 26.59
N GLY A 282 -1.15 -21.19 27.03
CA GLY A 282 -0.74 -21.33 28.43
C GLY A 282 0.28 -20.35 28.97
N ASP A 283 1.25 -19.91 28.15
CA ASP A 283 2.25 -18.94 28.63
C ASP A 283 1.61 -17.58 28.91
N LEU A 284 0.58 -17.23 28.15
CA LEU A 284 -0.16 -16.01 28.42
C LEU A 284 -1.12 -16.10 29.61
N VAL A 285 -1.70 -17.27 29.81
CA VAL A 285 -2.48 -17.53 31.02
C VAL A 285 -1.57 -17.29 32.26
N ASP A 286 -0.38 -17.85 32.21
CA ASP A 286 0.65 -17.61 33.24
C ASP A 286 1.01 -16.14 33.40
N TYR A 287 1.23 -15.45 32.29
CA TYR A 287 1.54 -14.02 32.30
C TYR A 287 0.44 -13.17 32.96
N ALA A 288 -0.82 -13.37 32.53
CA ALA A 288 -1.92 -12.58 33.09
C ALA A 288 -2.11 -12.89 34.58
N ARG A 289 -1.98 -14.16 34.94
CA ARG A 289 -2.07 -14.60 36.33
C ARG A 289 -0.98 -13.94 37.21
N ALA A 290 0.28 -14.04 36.77
CA ALA A 290 1.41 -13.42 37.48
C ALA A 290 1.24 -11.91 37.62
N ARG A 291 0.99 -11.23 36.51
CA ARG A 291 0.80 -9.78 36.49
C ARG A 291 -0.42 -9.35 37.32
N GLY A 292 -1.50 -10.14 37.27
CA GLY A 292 -2.69 -9.84 38.08
C GLY A 292 -2.32 -9.99 39.55
N ASP A 293 -1.56 -11.06 39.80
CA ASP A 293 -0.79 -11.33 41.03
C ASP A 293 -1.21 -12.66 41.66
N LEU B 6 -27.04 -3.16 -7.33
CA LEU B 6 -26.48 -3.68 -8.60
C LEU B 6 -25.93 -5.08 -8.30
N THR B 7 -25.97 -5.96 -9.30
CA THR B 7 -25.32 -7.27 -9.19
C THR B 7 -23.82 -7.16 -9.35
N LEU B 8 -23.07 -7.69 -8.38
CA LEU B 8 -21.61 -7.70 -8.51
C LEU B 8 -21.14 -9.13 -8.60
N ASP B 9 -20.34 -9.40 -9.63
CA ASP B 9 -19.93 -10.77 -9.91
C ASP B 9 -18.65 -11.25 -9.26
N ASN B 10 -17.78 -10.34 -8.83
CA ASN B 10 -16.48 -10.79 -8.32
C ASN B 10 -16.63 -11.60 -7.02
N ARG B 11 -15.70 -12.53 -6.79
CA ARG B 11 -15.59 -13.21 -5.51
C ARG B 11 -14.13 -13.14 -5.05
N LEU B 12 -13.65 -11.90 -4.91
CA LEU B 12 -12.24 -11.65 -4.71
C LEU B 12 -11.77 -12.18 -3.36
N ALA B 13 -12.55 -12.00 -2.31
CA ALA B 13 -12.08 -12.39 -0.97
C ALA B 13 -11.85 -13.91 -0.90
N GLU B 14 -12.73 -14.68 -1.53
CA GLU B 14 -12.54 -16.15 -1.59
C GLU B 14 -11.34 -16.57 -2.45
N ALA B 15 -11.03 -15.81 -3.50
CA ALA B 15 -9.97 -16.18 -4.44
C ALA B 15 -8.59 -15.94 -3.84
N LEU B 16 -8.47 -14.88 -3.01
CA LEU B 16 -7.14 -14.45 -2.54
C LEU B 16 -6.27 -15.50 -1.87
N PRO B 17 -6.80 -16.25 -0.87
CA PRO B 17 -5.93 -17.27 -0.27
C PRO B 17 -5.45 -18.33 -1.24
N LEU B 18 -6.25 -18.63 -2.26
CA LEU B 18 -5.85 -19.58 -3.31
C LEU B 18 -4.71 -18.98 -4.14
N TRP B 19 -4.87 -17.73 -4.55
CA TRP B 19 -3.83 -17.05 -5.33
C TRP B 19 -2.51 -16.90 -4.59
N ARG B 20 -2.61 -16.49 -3.33
CA ARG B 20 -1.44 -16.28 -2.48
C ARG B 20 -0.60 -17.54 -2.50
N ASN B 21 -1.26 -18.71 -2.51
CA ASN B 21 -0.59 -20.03 -2.57
C ASN B 21 0.05 -20.44 -3.92
N LEU B 22 -0.22 -19.69 -4.98
CA LEU B 22 0.27 -20.04 -6.34
C LEU B 22 1.75 -19.74 -6.51
N ALA B 23 2.31 -18.89 -5.64
CA ALA B 23 3.76 -18.65 -5.62
C ALA B 23 4.57 -19.92 -5.31
N ARG B 24 3.88 -20.92 -4.76
CA ARG B 24 4.48 -22.20 -4.36
C ARG B 24 4.63 -23.19 -5.53
N THR B 25 4.31 -22.74 -6.73
CA THR B 25 4.33 -23.59 -7.94
C THR B 25 5.67 -24.27 -8.24
N ASP B 26 5.59 -25.43 -8.88
CA ASP B 26 6.77 -26.17 -9.35
C ASP B 26 7.00 -25.97 -10.86
N ARG B 27 6.12 -25.20 -11.50
CA ARG B 27 6.20 -24.91 -12.94
C ARG B 27 7.42 -24.02 -13.24
N ALA B 28 7.98 -24.19 -14.44
CA ALA B 28 9.05 -23.33 -14.96
C ALA B 28 8.50 -22.02 -15.55
N PRO B 29 9.18 -20.89 -15.29
CA PRO B 29 8.68 -19.66 -15.95
C PRO B 29 8.62 -19.76 -17.49
N ARG B 30 7.73 -18.96 -18.07
CA ARG B 30 7.55 -18.92 -19.53
C ARG B 30 8.63 -18.12 -20.28
N ARG B 31 9.37 -17.31 -19.53
CA ARG B 31 10.50 -16.54 -20.04
C ARG B 31 11.49 -16.37 -18.92
N ASN B 32 12.69 -15.87 -19.22
CA ASN B 32 13.72 -15.63 -18.21
CA ASN B 32 13.70 -15.68 -18.20
C ASN B 32 13.29 -14.52 -17.27
N ILE B 33 13.14 -14.85 -16.00
CA ILE B 33 12.75 -13.83 -15.00
C ILE B 33 13.64 -13.99 -13.78
N ASP B 34 13.69 -12.96 -12.94
CA ASP B 34 14.37 -13.13 -11.67
C ASP B 34 13.34 -13.61 -10.66
N LEU B 35 13.48 -14.84 -10.15
CA LEU B 35 12.45 -15.39 -9.26
C LEU B 35 12.27 -14.61 -7.96
N ALA B 36 13.36 -14.06 -7.39
CA ALA B 36 13.23 -13.25 -6.16
C ALA B 36 12.37 -12.00 -6.39
N ASP B 37 12.69 -11.28 -7.45
CA ASP B 37 11.92 -10.09 -7.86
C ASP B 37 10.47 -10.46 -8.11
N TRP B 38 10.27 -11.55 -8.86
CA TRP B 38 8.92 -12.03 -9.20
C TRP B 38 8.11 -12.26 -7.92
N LYS B 39 8.66 -13.01 -6.97
CA LYS B 39 7.95 -13.32 -5.74
C LYS B 39 7.61 -12.07 -4.96
N ALA B 40 8.50 -11.08 -4.97
CA ALA B 40 8.20 -9.84 -4.24
C ALA B 40 7.12 -9.06 -4.96
N ASP B 41 7.14 -9.08 -6.30
CA ASP B 41 6.10 -8.41 -7.08
C ASP B 41 4.73 -9.07 -6.81
N TRP B 42 4.72 -10.39 -6.80
CA TRP B 42 3.53 -11.18 -6.51
C TRP B 42 2.95 -10.80 -5.16
N ARG B 43 3.78 -10.82 -4.10
CA ARG B 43 3.35 -10.46 -2.75
C ARG B 43 2.77 -9.06 -2.71
N GLU B 44 3.41 -8.12 -3.38
CA GLU B 44 2.89 -6.73 -3.44
C GLU B 44 1.50 -6.63 -4.05
N LEU B 45 1.27 -7.34 -5.14
CA LEU B 45 -0.05 -7.28 -5.83
C LEU B 45 -1.11 -7.96 -5.00
N ILE B 46 -0.74 -9.09 -4.41
CA ILE B 46 -1.67 -9.81 -3.53
C ILE B 46 -2.03 -8.92 -2.30
N ALA B 47 -1.02 -8.29 -1.69
CA ALA B 47 -1.24 -7.36 -0.55
C ALA B 47 -2.13 -6.17 -0.93
N ALA B 48 -1.95 -5.64 -2.13
CA ALA B 48 -2.79 -4.52 -2.63
C ALA B 48 -4.26 -4.97 -2.78
N LEU B 49 -4.46 -6.13 -3.36
CA LEU B 49 -5.81 -6.66 -3.56
C LEU B 49 -6.39 -7.10 -2.24
N ASP B 50 -5.57 -7.62 -1.32
CA ASP B 50 -6.10 -7.99 -0.02
C ASP B 50 -6.58 -6.73 0.75
N ARG B 51 -5.78 -5.67 0.69
CA ARG B 51 -6.10 -4.38 1.30
CA ARG B 51 -6.13 -4.41 1.36
C ARG B 51 -7.42 -3.85 0.75
N PHE B 52 -7.52 -3.87 -0.57
CA PHE B 52 -8.75 -3.48 -1.26
C PHE B 52 -9.98 -4.30 -0.77
N SER B 53 -9.78 -5.61 -0.66
CA SER B 53 -10.86 -6.51 -0.20
C SER B 53 -11.32 -6.21 1.24
N ARG B 54 -10.46 -5.59 2.04
CA ARG B 54 -10.81 -5.26 3.41
C ARG B 54 -11.30 -3.83 3.55
N SER B 55 -11.22 -3.04 2.47
CA SER B 55 -11.67 -1.62 2.49
C SER B 55 -13.19 -1.48 2.59
N HIS B 56 -13.65 -0.38 3.19
CA HIS B 56 -15.08 -0.11 3.27
C HIS B 56 -15.70 -0.02 1.88
N GLY B 57 -14.99 0.58 0.92
CA GLY B 57 -15.55 0.76 -0.42
C GLY B 57 -15.73 -0.53 -1.19
N TYR B 58 -14.92 -1.55 -0.89
CA TYR B 58 -15.21 -2.89 -1.42
C TYR B 58 -16.37 -3.59 -0.67
N ARG B 59 -16.33 -3.56 0.65
CA ARG B 59 -17.25 -4.34 1.45
C ARG B 59 -18.67 -3.74 1.50
N GLN B 60 -18.77 -2.43 1.32
CA GLN B 60 -20.04 -1.73 1.31
C GLN B 60 -20.04 -0.75 0.16
N PRO B 61 -20.09 -1.25 -1.08
CA PRO B 61 -19.92 -0.35 -2.22
C PRO B 61 -21.15 0.50 -2.51
N PHE B 62 -22.27 0.25 -1.84
CA PHE B 62 -23.46 1.05 -2.12
C PHE B 62 -23.73 2.08 -1.05
N ALA B 63 -22.79 2.25 -0.13
CA ALA B 63 -23.02 3.20 0.98
C ALA B 63 -22.83 4.65 0.54
N ALA B 64 -22.04 4.88 -0.51
CA ALA B 64 -21.73 6.23 -0.98
C ALA B 64 -22.67 6.70 -2.10
N GLN B 65 -22.82 8.01 -2.24
CA GLN B 65 -23.65 8.61 -3.30
C GLN B 65 -22.86 9.71 -4.01
N GLY B 66 -23.32 10.12 -5.20
CA GLY B 66 -22.74 11.27 -5.89
C GLY B 66 -21.24 11.16 -6.11
N HIS B 67 -20.50 12.22 -5.75
CA HIS B 67 -19.07 12.20 -6.03
CA HIS B 67 -19.06 12.26 -5.98
C HIS B 67 -18.32 11.20 -5.16
N ALA B 68 -18.80 10.95 -3.94
CA ALA B 68 -18.23 9.86 -3.12
C ALA B 68 -18.35 8.46 -3.83
N ALA B 69 -19.49 8.20 -4.46
CA ALA B 69 -19.67 6.95 -5.27
C ALA B 69 -18.68 6.88 -6.41
N LEU B 70 -18.41 8.04 -7.01
CA LEU B 70 -17.51 8.06 -8.14
C LEU B 70 -16.09 7.78 -7.64
N GLU B 71 -15.71 8.35 -6.50
CA GLU B 71 -14.37 8.08 -5.95
C GLU B 71 -14.20 6.64 -5.58
N ASN B 72 -15.24 6.03 -5.02
CA ASN B 72 -15.16 4.58 -4.81
C ASN B 72 -15.01 3.76 -6.10
N ALA B 73 -15.73 4.16 -7.16
CA ALA B 73 -15.60 3.46 -8.46
C ALA B 73 -14.14 3.49 -8.93
N TRP B 74 -13.48 4.64 -8.81
CA TRP B 74 -12.07 4.73 -9.22
C TRP B 74 -11.17 3.76 -8.44
N ALA B 75 -11.48 3.54 -7.16
CA ALA B 75 -10.72 2.57 -6.33
C ALA B 75 -10.90 1.15 -6.89
N TRP B 76 -12.12 0.82 -7.28
CA TRP B 76 -12.39 -0.46 -7.90
C TRP B 76 -11.67 -0.59 -9.22
N GLY B 77 -11.65 0.48 -10.01
CA GLY B 77 -10.92 0.45 -11.28
C GLY B 77 -9.43 0.18 -11.07
N GLN B 78 -8.86 0.77 -10.03
CA GLN B 78 -7.45 0.48 -9.71
C GLN B 78 -7.27 -0.96 -9.30
N ALA B 79 -8.18 -1.50 -8.50
CA ALA B 79 -8.12 -2.91 -8.16
C ALA B 79 -8.19 -3.83 -9.39
N ALA B 80 -9.09 -3.48 -10.33
CA ALA B 80 -9.18 -4.24 -11.60
C ALA B 80 -7.85 -4.23 -12.34
N GLU B 81 -7.17 -3.09 -12.37
CA GLU B 81 -5.80 -3.04 -12.98
C GLU B 81 -4.83 -3.96 -12.24
N ASN B 82 -4.88 -3.95 -10.91
CA ASN B 82 -3.99 -4.81 -10.13
C ASN B 82 -4.24 -6.28 -10.39
N ALA B 83 -5.51 -6.64 -10.58
CA ALA B 83 -5.83 -8.02 -10.97
C ALA B 83 -5.32 -8.35 -12.36
N SER B 84 -5.41 -7.40 -13.30
CA SER B 84 -4.76 -7.61 -14.61
C SER B 84 -3.22 -7.83 -14.50
N THR B 85 -2.56 -7.05 -13.64
CA THR B 85 -1.10 -7.19 -13.43
C THR B 85 -0.81 -8.52 -12.76
N LEU B 86 -1.65 -8.91 -11.81
CA LEU B 86 -1.49 -10.23 -11.19
C LEU B 86 -1.54 -11.32 -12.27
N LEU B 87 -2.52 -11.21 -13.19
CA LEU B 87 -2.64 -12.21 -14.26
C LEU B 87 -1.36 -12.25 -15.10
N LEU B 88 -0.88 -11.08 -15.50
CA LEU B 88 0.36 -10.98 -16.24
C LEU B 88 1.54 -11.64 -15.51
N LYS B 89 1.73 -11.31 -14.23
CA LYS B 89 2.79 -11.94 -13.47
C LYS B 89 2.65 -13.47 -13.43
N ALA B 90 1.41 -13.95 -13.32
CA ALA B 90 1.17 -15.39 -13.28
C ALA B 90 1.54 -16.07 -14.64
N ILE B 91 1.25 -15.39 -15.75
CA ILE B 91 1.71 -15.85 -17.07
C ILE B 91 3.25 -15.96 -17.13
N ASP B 92 3.93 -14.87 -16.75
CA ASP B 92 5.42 -14.88 -16.66
C ASP B 92 5.95 -16.07 -15.86
N ARG B 93 5.28 -16.37 -14.73
CA ARG B 93 5.76 -17.35 -13.77
C ARG B 93 5.63 -18.78 -14.27
N GLY B 94 4.80 -18.99 -15.29
CA GLY B 94 4.61 -20.35 -15.84
C GLY B 94 3.42 -21.08 -15.25
N LEU B 95 2.52 -20.37 -14.55
CA LEU B 95 1.29 -21.02 -14.04
C LEU B 95 0.47 -21.58 -15.22
N ALA B 96 -0.04 -22.79 -15.06
CA ALA B 96 -0.70 -23.45 -16.18
C ALA B 96 -2.08 -22.88 -16.40
N GLY B 97 -2.69 -23.28 -17.52
CA GLY B 97 -3.97 -22.72 -17.97
C GLY B 97 -5.03 -22.67 -16.91
N ALA B 98 -5.22 -23.77 -16.18
CA ALA B 98 -6.31 -23.81 -15.18
C ALA B 98 -6.14 -22.76 -14.07
N GLU B 99 -4.90 -22.62 -13.60
CA GLU B 99 -4.57 -21.60 -12.59
C GLU B 99 -4.73 -20.19 -13.10
N LEU B 100 -4.29 -19.96 -14.34
CA LEU B 100 -4.44 -18.64 -14.96
C LEU B 100 -5.91 -18.31 -15.11
N ARG B 101 -6.69 -19.31 -15.54
CA ARG B 101 -8.17 -19.11 -15.70
C ARG B 101 -8.84 -18.70 -14.38
N SER B 102 -8.41 -19.31 -13.28
CA SER B 102 -8.92 -18.97 -11.95
C SER B 102 -8.66 -17.51 -11.60
N ILE B 103 -7.56 -16.93 -12.07
CA ILE B 103 -7.29 -15.51 -11.90
C ILE B 103 -8.11 -14.68 -12.88
N TYR B 104 -8.11 -15.09 -14.14
CA TYR B 104 -8.81 -14.39 -15.20
C TYR B 104 -10.31 -14.17 -14.89
N LEU B 105 -10.95 -15.17 -14.29
CA LEU B 105 -12.39 -15.01 -13.99
C LEU B 105 -12.62 -13.84 -13.07
N GLU B 106 -11.70 -13.63 -12.11
CA GLU B 106 -11.84 -12.52 -11.16
C GLU B 106 -11.37 -11.19 -11.72
N THR B 107 -10.36 -11.26 -12.57
CA THR B 107 -9.89 -10.05 -13.27
C THR B 107 -11.04 -9.50 -14.12
N ALA B 108 -11.64 -10.37 -14.94
CA ALA B 108 -12.82 -9.99 -15.72
C ALA B 108 -13.98 -9.49 -14.85
N ALA B 109 -14.25 -10.19 -13.73
CA ALA B 109 -15.35 -9.78 -12.82
C ALA B 109 -15.05 -8.42 -12.23
N LEU B 110 -13.82 -8.17 -11.81
CA LEU B 110 -13.52 -6.87 -11.20
C LEU B 110 -13.67 -5.74 -12.21
N TRP B 111 -13.20 -5.94 -13.46
CA TRP B 111 -13.41 -4.92 -14.50
C TRP B 111 -14.91 -4.62 -14.76
N LEU B 112 -15.71 -5.67 -14.86
CA LEU B 112 -17.16 -5.57 -15.05
C LEU B 112 -17.82 -4.87 -13.85
N ASP B 113 -17.51 -5.31 -12.62
CA ASP B 113 -18.01 -4.63 -11.39
C ASP B 113 -17.61 -3.17 -11.32
N TYR B 114 -16.34 -2.90 -11.62
CA TYR B 114 -15.92 -1.51 -11.72
C TYR B 114 -16.81 -0.71 -12.66
N SER B 115 -17.01 -1.21 -13.88
CA SER B 115 -17.81 -0.45 -14.85
C SER B 115 -19.25 -0.21 -14.35
N ARG B 116 -19.80 -1.20 -13.63
CA ARG B 116 -21.19 -1.05 -13.12
C ARG B 116 -21.28 -0.01 -12.02
N LEU B 117 -20.25 0.04 -11.16
CA LEU B 117 -20.24 1.02 -10.06
C LEU B 117 -19.97 2.40 -10.62
N LEU B 118 -19.14 2.44 -11.68
CA LEU B 118 -18.85 3.70 -12.34
C LEU B 118 -20.13 4.23 -12.98
N GLY B 119 -20.83 3.36 -13.72
CA GLY B 119 -22.14 3.74 -14.29
C GLY B 119 -23.16 4.24 -13.28
N ALA B 120 -23.27 3.52 -12.18
CA ALA B 120 -24.21 3.87 -11.12
C ALA B 120 -23.86 5.22 -10.47
N ALA B 121 -22.56 5.49 -10.31
CA ALA B 121 -22.13 6.80 -9.79
C ALA B 121 -22.50 7.91 -10.74
N ARG B 122 -22.30 7.68 -12.02
CA ARG B 122 -22.59 8.73 -13.01
C ARG B 122 -24.09 8.97 -13.10
N ASP B 123 -24.86 7.91 -12.95
CA ASP B 123 -26.32 8.05 -12.86
C ASP B 123 -26.74 8.87 -11.65
N SER B 124 -26.17 8.54 -10.50
CA SER B 124 -26.45 9.29 -9.27
C SER B 124 -26.18 10.80 -9.46
N LEU B 125 -25.00 11.14 -10.00
CA LEU B 125 -24.64 12.52 -10.30
C LEU B 125 -25.61 13.20 -11.25
N ARG B 126 -25.96 12.51 -12.35
CA ARG B 126 -27.01 13.01 -13.25
C ARG B 126 -28.32 13.30 -12.55
N GLU B 127 -28.80 12.38 -11.72
CA GLU B 127 -30.07 12.64 -11.04
C GLU B 127 -29.98 13.68 -9.91
N GLN B 128 -28.75 14.06 -9.55
CA GLN B 128 -28.49 15.18 -8.63
C GLN B 128 -28.29 16.52 -9.37
N GLY B 129 -28.38 16.49 -10.70
CA GLY B 129 -28.13 17.66 -11.55
C GLY B 129 -26.67 18.04 -11.71
N GLU B 134 -14.64 12.14 -17.50
CA GLU B 134 -16.03 12.46 -17.18
C GLU B 134 -17.02 11.49 -17.82
N THR B 135 -16.83 11.17 -19.10
CA THR B 135 -17.83 10.45 -19.89
C THR B 135 -17.26 9.17 -20.55
N ALA B 136 -15.94 9.04 -20.47
CA ALA B 136 -15.23 7.89 -21.08
C ALA B 136 -15.68 6.58 -20.45
N PRO B 137 -15.66 5.50 -21.25
CA PRO B 137 -15.94 4.17 -20.72
C PRO B 137 -14.98 3.81 -19.59
N ALA B 138 -15.37 2.82 -18.79
CA ALA B 138 -14.50 2.30 -17.70
C ALA B 138 -13.10 1.95 -18.24
N LEU B 139 -13.08 1.42 -19.45
CA LEU B 139 -11.82 1.16 -20.14
CA LEU B 139 -11.84 1.14 -20.14
C LEU B 139 -11.90 1.79 -21.52
N ALA B 140 -11.04 2.78 -21.74
CA ALA B 140 -11.09 3.58 -22.98
C ALA B 140 -9.95 3.13 -23.88
N PRO B 141 -10.26 2.25 -24.85
CA PRO B 141 -9.20 1.60 -25.64
C PRO B 141 -8.49 2.57 -26.59
N ARG B 142 -9.10 3.72 -26.89
CA ARG B 142 -8.42 4.70 -27.77
C ARG B 142 -7.21 5.34 -27.09
N THR B 143 -7.19 5.27 -25.76
CA THR B 143 -6.08 5.81 -24.97
C THR B 143 -5.00 4.75 -24.67
N GLY B 144 -4.07 5.11 -23.79
CA GLY B 144 -3.04 4.18 -23.31
C GLY B 144 -3.57 2.97 -22.54
N GLN B 145 -4.87 2.95 -22.26
N GLN B 145 -4.86 2.91 -22.27
CA GLN B 145 -5.47 1.82 -21.54
CA GLN B 145 -5.42 1.76 -21.52
C GLN B 145 -5.62 0.59 -22.40
C GLN B 145 -5.78 0.60 -22.44
N TYR B 146 -5.48 0.75 -23.72
CA TYR B 146 -5.70 -0.35 -24.68
C TYR B 146 -5.12 -1.71 -24.23
N PRO B 147 -3.90 -1.75 -23.67
CA PRO B 147 -3.40 -3.09 -23.28
C PRO B 147 -4.31 -3.84 -22.30
N PHE B 148 -5.04 -3.15 -21.40
CA PHE B 148 -5.97 -3.90 -20.52
C PHE B 148 -7.11 -4.49 -21.31
N ALA B 149 -7.56 -3.78 -22.36
CA ALA B 149 -8.66 -4.31 -23.19
C ALA B 149 -8.13 -5.51 -24.02
N LEU B 150 -6.92 -5.36 -24.54
CA LEU B 150 -6.24 -6.46 -25.26
C LEU B 150 -6.16 -7.68 -24.34
N GLN B 151 -5.68 -7.49 -23.10
CA GLN B 151 -5.58 -8.60 -22.16
C GLN B 151 -6.95 -9.26 -21.92
N LEU B 152 -7.98 -8.44 -21.69
CA LEU B 152 -9.30 -8.99 -21.37
C LEU B 152 -9.84 -9.86 -22.50
N LEU B 153 -9.69 -9.41 -23.75
CA LEU B 153 -10.24 -10.18 -24.86
C LEU B 153 -9.33 -11.34 -25.20
N ALA B 154 -8.01 -11.08 -25.35
CA ALA B 154 -7.09 -12.17 -25.75
C ALA B 154 -6.99 -13.26 -24.69
N MSE B 155 -7.01 -12.87 -23.40
CA MSE B 155 -6.85 -13.89 -22.36
C MSE B 155 -8.16 -14.60 -22.19
O MSE B 155 -8.18 -15.75 -21.83
CB MSE B 155 -6.31 -13.33 -21.03
CG MSE B 155 -4.87 -12.69 -21.05
SE MSE B 155 -3.60 -13.93 -22.00
CE MSE B 155 -3.56 -13.20 -23.77
N GLY B 156 -9.27 -13.92 -22.50
CA GLY B 156 -10.58 -14.61 -22.57
C GLY B 156 -10.55 -15.80 -23.56
N VAL B 157 -10.04 -15.55 -24.74
CA VAL B 157 -9.86 -16.56 -25.78
C VAL B 157 -8.85 -17.66 -25.35
N LEU B 158 -7.70 -17.24 -24.85
CA LEU B 158 -6.60 -18.16 -24.53
C LEU B 158 -6.91 -19.02 -23.30
N LEU B 159 -7.84 -18.54 -22.46
CA LEU B 159 -8.21 -19.30 -21.27
C LEU B 159 -9.60 -19.93 -21.33
N ASP B 160 -10.17 -20.01 -22.53
CA ASP B 160 -11.46 -20.66 -22.77
C ASP B 160 -12.55 -20.10 -21.85
N ALA B 161 -12.56 -18.78 -21.77
CA ALA B 161 -13.54 -18.03 -20.97
C ALA B 161 -14.24 -16.96 -21.82
N GLN B 162 -14.42 -17.25 -23.12
CA GLN B 162 -14.98 -16.26 -24.07
C GLN B 162 -16.40 -15.84 -23.75
N GLU B 163 -17.12 -16.65 -22.98
CA GLU B 163 -18.47 -16.29 -22.58
C GLU B 163 -18.54 -15.00 -21.73
N LEU B 164 -17.40 -14.54 -21.22
CA LEU B 164 -17.39 -13.26 -20.50
C LEU B 164 -17.15 -12.03 -21.40
N ILE B 165 -16.71 -12.29 -22.64
CA ILE B 165 -16.32 -11.23 -23.56
C ILE B 165 -17.50 -10.29 -23.92
N PRO B 166 -18.70 -10.86 -24.21
CA PRO B 166 -19.80 -9.94 -24.54
C PRO B 166 -20.11 -8.89 -23.50
N ALA B 167 -20.25 -9.24 -22.22
CA ALA B 167 -20.52 -8.20 -21.20
C ALA B 167 -19.34 -7.25 -21.06
N LEU B 168 -18.13 -7.78 -21.12
CA LEU B 168 -16.93 -6.94 -21.12
C LEU B 168 -16.97 -5.89 -22.23
N VAL B 169 -17.17 -6.32 -23.46
CA VAL B 169 -17.29 -5.37 -24.57
C VAL B 169 -18.44 -4.36 -24.36
N GLU B 170 -19.63 -4.83 -23.98
CA GLU B 170 -20.74 -3.88 -23.76
C GLU B 170 -20.50 -2.90 -22.59
N GLU B 171 -20.20 -3.45 -21.42
CA GLU B 171 -20.26 -2.67 -20.17
C GLU B 171 -18.94 -1.96 -19.87
N VAL B 172 -17.83 -2.64 -20.14
CA VAL B 172 -16.50 -2.08 -19.82
C VAL B 172 -15.98 -1.19 -20.96
N LEU B 173 -16.12 -1.66 -22.20
CA LEU B 173 -15.58 -0.90 -23.34
C LEU B 173 -16.62 -0.03 -24.02
N GLN B 174 -17.90 -0.27 -23.71
CA GLN B 174 -19.04 0.42 -24.36
C GLN B 174 -18.93 0.32 -25.88
N PHE B 175 -18.55 -0.87 -26.35
CA PHE B 175 -18.40 -1.17 -27.77
C PHE B 175 -17.43 -0.27 -28.53
N ASP B 176 -16.55 0.41 -27.83
CA ASP B 176 -15.55 1.26 -28.48
C ASP B 176 -14.31 0.40 -28.79
N THR B 177 -14.47 -0.47 -29.78
CA THR B 177 -13.46 -1.44 -30.14
C THR B 177 -12.93 -1.08 -31.53
N ASP B 178 -11.68 -1.46 -31.80
CA ASP B 178 -11.06 -1.30 -33.12
C ASP B 178 -10.93 -2.64 -33.84
N ARG B 179 -10.19 -2.68 -34.96
CA ARG B 179 -10.20 -3.87 -35.81
C ARG B 179 -9.73 -5.11 -35.05
N LEU B 180 -8.59 -5.00 -34.38
CA LEU B 180 -8.05 -6.14 -33.62
C LEU B 180 -9.00 -6.61 -32.51
N LEU B 181 -9.52 -5.69 -31.72
CA LEU B 181 -10.45 -6.09 -30.64
C LEU B 181 -11.70 -6.74 -31.23
N ASP B 182 -12.19 -6.23 -32.36
CA ASP B 182 -13.31 -6.87 -33.06
C ASP B 182 -12.99 -8.30 -33.55
N TYR B 183 -11.81 -8.52 -34.13
CA TYR B 183 -11.37 -9.89 -34.46
C TYR B 183 -11.28 -10.80 -33.24
N LEU B 184 -10.70 -10.29 -32.14
CA LEU B 184 -10.59 -11.10 -30.92
C LEU B 184 -11.94 -11.48 -30.32
N GLY B 185 -12.90 -10.56 -30.37
CA GLY B 185 -14.22 -10.84 -29.81
C GLY B 185 -15.28 -11.34 -30.77
N ALA B 186 -14.90 -11.51 -32.04
CA ALA B 186 -15.85 -11.81 -33.11
C ALA B 186 -16.73 -13.03 -32.84
N ALA B 187 -16.10 -14.15 -32.46
CA ALA B 187 -16.82 -15.41 -32.21
C ALA B 187 -17.70 -15.27 -30.99
N ALA B 188 -17.18 -14.62 -29.95
CA ALA B 188 -17.91 -14.43 -28.71
C ALA B 188 -19.19 -13.60 -28.88
N LEU B 189 -19.12 -12.58 -29.71
CA LEU B 189 -20.20 -11.61 -29.91
C LEU B 189 -21.08 -11.93 -31.11
N GLY B 190 -20.58 -12.81 -31.99
CA GLY B 190 -21.24 -13.11 -33.27
C GLY B 190 -21.13 -11.96 -34.26
N LEU B 191 -19.95 -11.33 -34.29
CA LEU B 191 -19.70 -10.23 -35.20
C LEU B 191 -19.64 -10.73 -36.63
N THR B 192 -20.24 -9.97 -37.53
CA THR B 192 -20.21 -10.27 -38.96
C THR B 192 -19.27 -9.33 -39.74
N SER B 193 -18.91 -8.20 -39.10
CA SER B 193 -17.93 -7.26 -39.65
C SER B 193 -17.03 -6.67 -38.56
N ALA B 194 -15.88 -6.14 -38.96
CA ALA B 194 -14.96 -5.52 -38.01
C ALA B 194 -14.76 -4.05 -38.34
N SER B 195 -14.44 -3.26 -37.30
CA SER B 195 -14.05 -1.86 -37.44
C SER B 195 -12.89 -1.76 -38.44
N GLU B 196 -12.78 -0.62 -39.10
CA GLU B 196 -11.66 -0.38 -40.02
C GLU B 196 -10.54 0.39 -39.34
N GLU B 197 -10.76 0.85 -38.11
CA GLU B 197 -9.78 1.62 -37.36
C GLU B 197 -8.75 0.74 -36.66
N THR B 198 -7.58 1.30 -36.46
CA THR B 198 -6.58 0.75 -35.53
C THR B 198 -6.21 1.88 -34.55
N PHE B 199 -6.56 1.70 -33.28
CA PHE B 199 -6.33 2.74 -32.28
C PHE B 199 -4.86 3.06 -32.03
N HIS B 200 -4.00 2.04 -32.16
CA HIS B 200 -2.58 2.17 -31.88
C HIS B 200 -1.80 1.51 -33.01
N PRO B 201 -1.52 2.27 -34.08
CA PRO B 201 -0.93 1.73 -35.29
C PRO B 201 0.43 1.07 -35.07
N ARG B 202 1.13 1.47 -34.02
CA ARG B 202 2.41 0.85 -33.63
C ARG B 202 2.16 0.12 -32.30
N PRO B 203 2.14 -1.21 -32.29
CA PRO B 203 2.47 -2.16 -33.35
C PRO B 203 1.33 -2.63 -34.27
N PHE B 204 0.09 -2.35 -33.89
CA PHE B 204 -1.04 -3.10 -34.45
C PHE B 204 -1.42 -2.85 -35.92
N GLY B 205 -0.97 -1.72 -36.48
CA GLY B 205 -1.15 -1.47 -37.92
C GLY B 205 -0.46 -2.50 -38.79
N GLN B 206 0.56 -3.16 -38.23
CA GLN B 206 1.34 -4.19 -38.94
C GLN B 206 0.59 -5.52 -39.11
N LEU B 207 -0.61 -5.60 -38.54
CA LEU B 207 -1.55 -6.70 -38.75
C LEU B 207 -2.42 -6.53 -40.00
N ARG B 208 -2.31 -5.36 -40.63
CA ARG B 208 -3.11 -5.00 -41.81
C ARG B 208 -3.09 -6.03 -42.92
N ALA B 209 -1.90 -6.56 -43.23
CA ALA B 209 -1.77 -7.60 -44.24
C ALA B 209 -2.55 -8.86 -43.87
N PHE B 210 -2.45 -9.26 -42.61
CA PHE B 210 -3.13 -10.46 -42.12
C PHE B 210 -4.67 -10.31 -42.20
N PHE B 211 -5.16 -9.15 -41.78
CA PHE B 211 -6.60 -8.91 -41.76
C PHE B 211 -7.22 -8.83 -43.15
N GLU B 212 -6.49 -8.19 -44.07
CA GLU B 212 -7.04 -7.80 -45.38
C GLU B 212 -6.68 -8.76 -46.51
N GLU B 213 -5.45 -9.28 -46.48
CA GLU B 213 -4.92 -10.12 -47.56
C GLU B 213 -4.72 -11.58 -47.14
N ALA B 214 -4.86 -11.87 -45.85
CA ALA B 214 -4.55 -13.19 -45.26
C ALA B 214 -5.69 -14.21 -45.31
N ASP B 215 -5.33 -15.46 -45.66
CA ASP B 215 -6.30 -16.56 -45.83
C ASP B 215 -6.82 -17.16 -44.50
N GLY B 216 -6.04 -17.03 -43.42
CA GLY B 216 -6.32 -17.73 -42.16
C GLY B 216 -5.92 -19.20 -42.20
N SER B 217 -5.32 -19.60 -43.32
CA SER B 217 -4.90 -20.98 -43.58
C SER B 217 -3.42 -21.12 -43.32
N ASP B 218 -2.78 -19.97 -43.05
CA ASP B 218 -1.35 -19.93 -42.84
C ASP B 218 -1.02 -19.00 -41.69
N ALA B 219 -0.39 -19.57 -40.67
CA ALA B 219 0.12 -18.81 -39.54
C ALA B 219 1.32 -17.96 -39.98
N GLN B 220 1.94 -18.33 -41.12
CA GLN B 220 3.12 -17.59 -41.65
C GLN B 220 2.86 -16.09 -41.82
N ALA B 221 1.59 -15.74 -42.00
CA ALA B 221 1.14 -14.38 -42.16
C ALA B 221 1.50 -13.51 -40.94
N LEU B 222 1.72 -14.14 -39.78
CA LEU B 222 1.99 -13.43 -38.54
C LEU B 222 3.42 -13.61 -38.05
N ALA B 223 4.21 -14.43 -38.75
CA ALA B 223 5.59 -14.63 -38.34
C ALA B 223 6.46 -13.35 -38.43
N PRO B 224 6.40 -12.59 -39.54
CA PRO B 224 7.12 -11.29 -39.59
C PRO B 224 6.68 -10.31 -38.49
N TYR B 225 5.39 -10.28 -38.18
CA TYR B 225 4.86 -9.48 -37.07
C TYR B 225 5.49 -9.84 -35.72
N LEU B 226 5.55 -11.14 -35.39
CA LEU B 226 6.20 -11.56 -34.16
C LEU B 226 7.69 -11.21 -34.12
N GLN B 227 8.39 -11.36 -35.25
CA GLN B 227 9.82 -11.05 -35.30
C GLN B 227 10.08 -9.56 -35.12
N SER B 228 9.34 -8.73 -35.85
CA SER B 228 9.61 -7.31 -35.86
C SER B 228 8.99 -6.56 -34.68
N GLN B 229 7.76 -6.93 -34.28
CA GLN B 229 7.10 -6.15 -33.24
C GLN B 229 7.35 -6.65 -31.82
N TYR B 230 7.91 -7.86 -31.70
CA TYR B 230 8.18 -8.40 -30.38
C TYR B 230 9.66 -8.65 -30.23
N ARG B 231 10.21 -9.60 -31.01
CA ARG B 231 11.59 -9.99 -30.80
C ARG B 231 12.56 -8.82 -31.03
N GLU B 232 12.43 -8.11 -32.14
CA GLU B 232 13.31 -6.98 -32.46
C GLU B 232 13.07 -5.76 -31.58
N PHE B 233 11.84 -5.61 -31.10
CA PHE B 233 11.52 -4.52 -30.19
C PHE B 233 12.20 -4.75 -28.84
N PHE B 234 12.04 -5.96 -28.29
CA PHE B 234 12.54 -6.22 -26.93
C PHE B 234 14.06 -6.45 -26.94
N GLN B 235 14.63 -6.60 -28.12
CA GLN B 235 16.08 -6.65 -28.26
C GLN B 235 16.74 -5.26 -28.15
N LEU B 236 15.96 -4.20 -28.35
CA LEU B 236 16.50 -2.83 -28.21
C LEU B 236 16.74 -2.60 -26.73
N SER B 237 17.69 -1.71 -26.40
CA SER B 237 17.78 -1.22 -24.99
C SER B 237 16.44 -0.67 -24.48
N PRO B 238 16.19 -0.75 -23.15
CA PRO B 238 15.04 -0.09 -22.56
C PRO B 238 14.92 1.41 -22.91
N LYS B 239 16.03 2.15 -22.89
CA LYS B 239 16.08 3.56 -23.29
C LYS B 239 15.57 3.75 -24.74
N ALA B 240 16.08 2.92 -25.66
CA ALA B 240 15.66 2.94 -27.06
C ALA B 240 14.19 2.54 -27.25
N GLN B 241 13.74 1.53 -26.49
CA GLN B 241 12.35 1.10 -26.56
C GLN B 241 11.41 2.29 -26.29
N LYS B 242 11.77 3.09 -25.28
CA LYS B 242 10.96 4.19 -24.85
C LYS B 242 10.91 5.36 -25.83
N LYS B 243 11.95 5.52 -26.64
CA LYS B 243 11.99 6.48 -27.73
C LYS B 243 11.15 6.10 -28.98
N THR B 244 10.82 4.82 -29.17
CA THR B 244 9.96 4.40 -30.30
C THR B 244 8.49 4.71 -30.05
N ARG B 245 7.65 4.68 -31.08
CA ARG B 245 6.24 4.95 -30.84
C ARG B 245 5.39 3.70 -30.54
N ARG B 246 6.03 2.54 -30.49
CA ARG B 246 5.29 1.33 -30.12
C ARG B 246 4.59 1.44 -28.75
N LEU B 247 3.32 1.08 -28.75
CA LEU B 247 2.59 1.04 -27.50
C LEU B 247 3.19 -0.08 -26.65
N THR B 248 3.31 0.16 -25.36
CA THR B 248 3.68 -0.90 -24.42
C THR B 248 2.63 -0.93 -23.29
N GLY B 249 2.55 -2.05 -22.59
CA GLY B 249 1.56 -2.21 -21.52
C GLY B 249 2.20 -3.06 -20.43
N PRO B 250 3.09 -2.46 -19.61
CA PRO B 250 3.78 -3.26 -18.60
C PRO B 250 2.83 -3.75 -17.50
N TYR B 251 1.63 -3.19 -17.40
CA TYR B 251 0.68 -3.62 -16.36
C TYR B 251 -0.26 -4.75 -16.78
N ALA B 252 -0.34 -5.08 -18.09
CA ALA B 252 -1.30 -6.11 -18.52
C ALA B 252 -0.78 -7.01 -19.65
N TRP B 253 0.12 -6.48 -20.47
CA TRP B 253 0.44 -7.12 -21.77
C TRP B 253 1.89 -7.60 -21.79
N GLY B 254 2.80 -6.68 -21.45
CA GLY B 254 4.22 -6.98 -21.23
C GLY B 254 4.90 -7.63 -22.44
N TRP B 255 5.53 -8.76 -22.18
CA TRP B 255 6.34 -9.52 -23.13
C TRP B 255 5.52 -10.24 -24.22
N TRP B 256 4.24 -10.47 -23.95
CA TRP B 256 3.50 -11.52 -24.63
C TRP B 256 2.73 -11.07 -25.86
N ALA B 257 2.93 -11.78 -26.97
CA ALA B 257 2.10 -11.61 -28.15
C ALA B 257 0.77 -12.30 -27.94
N MSE B 258 -0.05 -11.72 -27.07
CA MSE B 258 -1.37 -12.27 -26.69
C MSE B 258 -2.31 -12.25 -27.86
O MSE B 258 -3.16 -13.13 -27.97
CB MSE B 258 -1.98 -11.32 -25.65
CG MSE B 258 -1.27 -11.41 -24.40
SE MSE B 258 -2.18 -10.23 -23.12
CE MSE B 258 -0.99 -10.74 -21.70
N GLU B 259 -2.18 -11.23 -28.70
CA GLU B 259 -3.05 -11.11 -29.87
C GLU B 259 -2.80 -12.25 -30.88
N VAL B 260 -1.54 -12.49 -31.22
CA VAL B 260 -1.16 -13.57 -32.17
C VAL B 260 -1.58 -14.94 -31.59
N SER B 261 -1.29 -15.16 -30.31
CA SER B 261 -1.66 -16.42 -29.67
C SER B 261 -3.17 -16.62 -29.69
N ALA B 262 -3.95 -15.58 -29.35
CA ALA B 262 -5.42 -15.70 -29.36
C ALA B 262 -5.94 -15.92 -30.78
N LEU B 263 -5.32 -15.27 -31.76
CA LEU B 263 -5.72 -15.52 -33.16
C LEU B 263 -5.53 -16.98 -33.57
N GLY B 264 -4.49 -17.63 -33.05
CA GLY B 264 -4.29 -19.06 -33.29
C GLY B 264 -5.44 -19.94 -32.78
N VAL B 265 -5.96 -19.63 -31.61
CA VAL B 265 -7.12 -20.36 -31.09
C VAL B 265 -8.34 -20.11 -31.98
N LEU B 266 -8.55 -18.84 -32.32
CA LEU B 266 -9.72 -18.43 -33.12
C LEU B 266 -9.72 -19.00 -34.54
N TYR B 267 -8.55 -19.04 -35.17
CA TYR B 267 -8.42 -19.53 -36.56
C TYR B 267 -8.13 -21.01 -36.69
N GLY B 268 -7.58 -21.64 -35.66
CA GLY B 268 -7.41 -23.11 -35.68
C GLY B 268 -6.29 -23.63 -36.56
N TRP B 269 -5.46 -22.73 -37.04
CA TRP B 269 -4.40 -23.11 -37.95
C TRP B 269 -3.22 -23.82 -37.29
N ASP B 270 -2.36 -24.44 -38.11
CA ASP B 270 -1.11 -25.02 -37.65
C ASP B 270 -0.13 -23.90 -37.35
N ASP B 271 0.10 -23.66 -36.05
CA ASP B 271 0.84 -22.49 -35.59
C ASP B 271 2.30 -22.80 -35.38
N GLY B 272 2.78 -23.93 -35.93
CA GLY B 272 4.14 -24.36 -35.65
C GLY B 272 5.21 -23.30 -35.90
N VAL B 273 5.10 -22.57 -37.01
CA VAL B 273 6.08 -21.52 -37.32
C VAL B 273 6.16 -20.46 -36.21
N LEU B 274 5.04 -20.22 -35.54
CA LEU B 274 4.99 -19.18 -34.52
C LEU B 274 5.56 -19.62 -33.16
N ARG B 275 5.62 -20.93 -32.93
CA ARG B 275 6.09 -21.45 -31.64
C ARG B 275 7.59 -21.23 -31.41
N ALA B 276 8.32 -20.96 -32.48
CA ALA B 276 9.73 -20.56 -32.36
C ALA B 276 9.88 -19.27 -31.58
N SER B 277 8.81 -18.46 -31.55
CA SER B 277 8.88 -17.12 -30.91
C SER B 277 8.78 -17.21 -29.39
N PRO B 278 9.75 -16.64 -28.67
CA PRO B 278 9.73 -16.59 -27.21
C PRO B 278 8.59 -15.74 -26.64
N HIS B 279 7.86 -15.09 -27.54
CA HIS B 279 6.73 -14.22 -27.16
C HIS B 279 5.36 -14.87 -27.41
N TYR B 280 5.35 -16.05 -28.03
CA TYR B 280 4.11 -16.72 -28.39
C TYR B 280 3.69 -17.67 -27.26
N LEU B 281 2.40 -17.72 -26.96
CA LEU B 281 1.94 -18.56 -25.85
C LEU B 281 1.36 -19.89 -26.34
N GLY B 282 2.22 -20.69 -26.97
CA GLY B 282 1.81 -21.99 -27.50
C GLY B 282 1.12 -22.90 -26.49
N ASP B 283 1.59 -22.92 -25.24
CA ASP B 283 1.00 -23.83 -24.23
C ASP B 283 -0.44 -23.45 -23.90
N LEU B 284 -0.73 -22.15 -24.04
CA LEU B 284 -2.08 -21.69 -23.80
C LEU B 284 -2.98 -21.89 -24.99
N VAL B 285 -2.42 -21.74 -26.20
CA VAL B 285 -3.13 -22.20 -27.39
C VAL B 285 -3.61 -23.63 -27.18
N ASP B 286 -2.69 -24.50 -26.75
CA ASP B 286 -3.01 -25.90 -26.54
C ASP B 286 -4.10 -26.09 -25.48
N TYR B 287 -3.97 -25.36 -24.37
CA TYR B 287 -4.91 -25.39 -23.25
C TYR B 287 -6.32 -25.02 -23.69
N ALA B 288 -6.45 -23.87 -24.36
CA ALA B 288 -7.75 -23.38 -24.84
C ALA B 288 -8.40 -24.38 -25.83
N ARG B 289 -7.60 -24.94 -26.75
CA ARG B 289 -8.12 -25.90 -27.73
C ARG B 289 -8.60 -27.14 -27.03
N ALA B 290 -7.79 -27.71 -26.13
CA ALA B 290 -8.17 -28.92 -25.38
C ALA B 290 -9.42 -28.71 -24.52
N ARG B 291 -9.50 -27.57 -23.84
CA ARG B 291 -10.62 -27.27 -22.96
C ARG B 291 -11.91 -27.04 -23.77
N GLY B 292 -11.78 -26.35 -24.90
CA GLY B 292 -12.90 -26.12 -25.82
C GLY B 292 -13.40 -27.45 -26.36
N ASP B 293 -12.45 -28.25 -26.84
CA ASP B 293 -12.49 -29.72 -27.03
C ASP B 293 -12.11 -30.09 -28.45
N LEU C 6 -1.86 24.13 -12.95
CA LEU C 6 -2.24 23.82 -14.37
C LEU C 6 -1.15 23.03 -15.09
N THR C 7 0.08 23.53 -15.05
CA THR C 7 1.23 22.82 -15.58
C THR C 7 1.80 22.05 -14.39
N LEU C 8 1.82 20.72 -14.50
CA LEU C 8 2.48 19.92 -13.46
C LEU C 8 3.84 19.51 -13.94
N ASP C 9 4.82 19.62 -13.05
CA ASP C 9 6.19 19.46 -13.45
C ASP C 9 6.78 18.08 -13.24
N ASN C 10 6.13 17.25 -12.42
CA ASN C 10 6.72 15.93 -12.14
C ASN C 10 6.66 15.04 -13.36
N ARG C 11 7.55 14.08 -13.45
CA ARG C 11 7.46 13.08 -14.49
C ARG C 11 7.69 11.75 -13.77
N LEU C 12 6.87 11.52 -12.75
CA LEU C 12 7.03 10.36 -11.85
C LEU C 12 6.88 9.02 -12.56
N ALA C 13 5.88 8.88 -13.44
CA ALA C 13 5.65 7.60 -14.12
C ALA C 13 6.87 7.21 -14.95
N GLU C 14 7.49 8.21 -15.57
CA GLU C 14 8.71 7.98 -16.37
C GLU C 14 9.88 7.54 -15.48
N ALA C 15 9.98 8.13 -14.30
CA ALA C 15 11.11 7.92 -13.40
C ALA C 15 11.14 6.58 -12.72
N LEU C 16 9.96 6.03 -12.39
CA LEU C 16 9.91 4.82 -11.56
C LEU C 16 10.71 3.61 -12.06
N PRO C 17 10.53 3.24 -13.34
CA PRO C 17 11.31 2.10 -13.83
C PRO C 17 12.83 2.27 -13.62
N LEU C 18 13.30 3.51 -13.80
CA LEU C 18 14.71 3.87 -13.64
C LEU C 18 15.15 3.79 -12.18
N TRP C 19 14.32 4.33 -11.28
CA TRP C 19 14.53 4.19 -9.83
C TRP C 19 14.60 2.72 -9.36
N ARG C 20 13.78 1.85 -9.94
CA ARG C 20 13.95 0.39 -9.69
C ARG C 20 15.35 -0.11 -9.92
N ASN C 21 15.94 0.26 -11.05
CA ASN C 21 17.25 -0.24 -11.41
C ASN C 21 18.35 0.27 -10.50
N LEU C 22 18.07 1.31 -9.71
CA LEU C 22 19.07 1.88 -8.81
C LEU C 22 19.47 0.93 -7.67
N ALA C 23 18.54 0.05 -7.28
CA ALA C 23 18.84 -0.97 -6.26
C ALA C 23 19.93 -1.95 -6.71
N ARG C 24 20.35 -1.84 -7.99
CA ARG C 24 21.33 -2.74 -8.60
C ARG C 24 22.74 -2.15 -8.60
N THR C 25 22.88 -0.96 -8.01
CA THR C 25 24.16 -0.22 -7.97
C THR C 25 25.38 -1.01 -7.46
N ASP C 26 26.54 -0.62 -7.97
CA ASP C 26 27.82 -1.17 -7.56
C ASP C 26 28.41 -0.38 -6.40
N ARG C 27 27.73 0.69 -5.99
CA ARG C 27 28.21 1.63 -4.96
C ARG C 27 28.15 1.00 -3.56
N ALA C 28 29.06 1.41 -2.68
CA ALA C 28 29.03 1.03 -1.27
C ALA C 28 28.15 2.05 -0.53
N PRO C 29 27.37 1.62 0.49
CA PRO C 29 26.60 2.58 1.30
C PRO C 29 27.46 3.66 1.97
N ARG C 30 26.83 4.81 2.25
CA ARG C 30 27.55 5.93 2.86
C ARG C 30 27.70 5.75 4.35
N ARG C 31 26.95 4.82 4.92
CA ARG C 31 27.08 4.46 6.35
C ARG C 31 26.74 3.00 6.51
N ASN C 32 26.87 2.48 7.73
CA ASN C 32 26.57 1.07 7.97
CA ASN C 32 26.56 1.07 7.99
C ASN C 32 25.06 0.84 7.92
N ILE C 33 24.64 0.05 6.95
CA ILE C 33 23.22 -0.31 6.79
C ILE C 33 23.04 -1.82 6.62
N ASP C 34 21.82 -2.31 6.83
CA ASP C 34 21.49 -3.71 6.55
C ASP C 34 20.90 -3.72 5.13
N LEU C 35 21.62 -4.33 4.18
CA LEU C 35 21.25 -4.22 2.76
C LEU C 35 19.91 -4.91 2.42
N ALA C 36 19.60 -6.02 3.09
CA ALA C 36 18.27 -6.65 2.95
C ALA C 36 17.13 -5.73 3.43
N ASP C 37 17.29 -5.15 4.62
CA ASP C 37 16.29 -4.18 5.11
C ASP C 37 16.16 -2.97 4.18
N TRP C 38 17.30 -2.49 3.70
CA TRP C 38 17.31 -1.36 2.77
C TRP C 38 16.56 -1.68 1.48
N LYS C 39 16.84 -2.83 0.89
CA LYS C 39 16.18 -3.19 -0.35
C LYS C 39 14.67 -3.30 -0.14
N ALA C 40 14.28 -3.81 1.02
CA ALA C 40 12.87 -3.92 1.35
C ALA C 40 12.17 -2.55 1.52
N ASP C 41 12.83 -1.61 2.18
CA ASP C 41 12.35 -0.24 2.35
C ASP C 41 12.26 0.43 0.97
N TRP C 42 13.30 0.23 0.14
CA TRP C 42 13.33 0.74 -1.25
C TRP C 42 12.10 0.24 -2.05
N ARG C 43 11.90 -1.07 -2.07
CA ARG C 43 10.73 -1.65 -2.77
C ARG C 43 9.39 -1.09 -2.27
N GLU C 44 9.27 -0.89 -0.95
CA GLU C 44 8.06 -0.34 -0.33
C GLU C 44 7.75 1.05 -0.85
N LEU C 45 8.76 1.91 -0.90
CA LEU C 45 8.58 3.29 -1.36
C LEU C 45 8.31 3.35 -2.84
N ILE C 46 9.02 2.53 -3.62
CA ILE C 46 8.74 2.45 -5.04
C ILE C 46 7.30 1.97 -5.26
N ALA C 47 6.88 0.90 -4.55
CA ALA C 47 5.52 0.38 -4.73
C ALA C 47 4.47 1.45 -4.42
N ALA C 48 4.75 2.24 -3.39
CA ALA C 48 3.79 3.31 -2.95
C ALA C 48 3.70 4.38 -4.02
N LEU C 49 4.85 4.79 -4.49
CA LEU C 49 4.88 5.80 -5.54
C LEU C 49 4.25 5.29 -6.83
N ASP C 50 4.47 4.00 -7.18
CA ASP C 50 3.87 3.43 -8.36
C ASP C 50 2.33 3.41 -8.21
N ARG C 51 1.84 2.96 -7.05
CA ARG C 51 0.38 2.92 -6.81
CA ARG C 51 0.41 2.93 -6.74
C ARG C 51 -0.18 4.33 -6.95
N PHE C 52 0.51 5.33 -6.41
CA PHE C 52 0.07 6.74 -6.59
C PHE C 52 0.05 7.15 -8.09
N SER C 53 1.11 6.80 -8.84
CA SER C 53 1.18 7.12 -10.29
C SER C 53 0.06 6.47 -11.11
N ARG C 54 -0.52 5.39 -10.57
CA ARG C 54 -1.60 4.68 -11.24
C ARG C 54 -2.98 5.10 -10.74
N SER C 55 -3.02 6.03 -9.78
CA SER C 55 -4.31 6.46 -9.21
C SER C 55 -4.99 7.51 -10.08
N HIS C 56 -6.32 7.55 -9.99
CA HIS C 56 -7.11 8.51 -10.73
C HIS C 56 -6.70 9.95 -10.37
N GLY C 57 -6.41 10.19 -9.10
CA GLY C 57 -6.07 11.56 -8.65
C GLY C 57 -4.73 12.06 -9.17
N TYR C 58 -3.81 11.15 -9.51
CA TYR C 58 -2.55 11.53 -10.19
C TYR C 58 -2.78 11.70 -11.70
N ARG C 59 -3.50 10.75 -12.28
CA ARG C 59 -3.68 10.68 -13.72
C ARG C 59 -4.64 11.74 -14.24
N GLN C 60 -5.62 12.11 -13.42
CA GLN C 60 -6.60 13.14 -13.75
C GLN C 60 -6.65 14.13 -12.60
N PRO C 61 -5.57 14.91 -12.40
CA PRO C 61 -5.49 15.75 -11.20
C PRO C 61 -6.47 16.92 -11.20
N PHE C 62 -7.09 17.21 -12.34
CA PHE C 62 -7.98 18.37 -12.42
C PHE C 62 -9.45 17.97 -12.40
N ALA C 63 -9.71 16.68 -12.37
CA ALA C 63 -11.07 16.15 -12.44
C ALA C 63 -11.92 16.45 -11.20
N ALA C 64 -11.27 16.68 -10.06
CA ALA C 64 -12.02 16.90 -8.82
C ALA C 64 -12.12 18.38 -8.49
N GLN C 65 -13.19 18.75 -7.78
CA GLN C 65 -13.42 20.13 -7.33
C GLN C 65 -13.75 20.14 -5.85
N GLY C 66 -13.71 21.34 -5.26
CA GLY C 66 -14.14 21.54 -3.87
C GLY C 66 -13.38 20.64 -2.91
N HIS C 67 -14.09 20.03 -1.96
CA HIS C 67 -13.40 19.19 -0.98
C HIS C 67 -12.74 17.96 -1.59
N ALA C 68 -13.30 17.45 -2.69
CA ALA C 68 -12.68 16.34 -3.41
C ALA C 68 -11.28 16.73 -3.94
N ALA C 69 -11.14 17.96 -4.42
CA ALA C 69 -9.83 18.46 -4.91
C ALA C 69 -8.85 18.57 -3.76
N LEU C 70 -9.35 19.03 -2.61
CA LEU C 70 -8.54 19.11 -1.42
C LEU C 70 -8.01 17.76 -0.96
N GLU C 71 -8.88 16.75 -0.95
CA GLU C 71 -8.43 15.40 -0.54
C GLU C 71 -7.41 14.83 -1.52
N ASN C 72 -7.60 15.12 -2.80
CA ASN C 72 -6.62 14.66 -3.80
C ASN C 72 -5.27 15.35 -3.58
N ALA C 73 -5.30 16.64 -3.23
CA ALA C 73 -4.05 17.38 -2.98
C ALA C 73 -3.26 16.72 -1.83
N TRP C 74 -3.96 16.28 -0.77
CA TRP C 74 -3.28 15.63 0.34
C TRP C 74 -2.63 14.32 -0.07
N ALA C 75 -3.21 13.60 -1.04
CA ALA C 75 -2.57 12.35 -1.56
C ALA C 75 -1.29 12.73 -2.27
N TRP C 76 -1.32 13.83 -3.01
CA TRP C 76 -0.07 14.29 -3.66
C TRP C 76 0.96 14.67 -2.60
N GLY C 77 0.49 15.30 -1.52
CA GLY C 77 1.36 15.61 -0.40
C GLY C 77 2.08 14.41 0.19
N GLN C 78 1.34 13.33 0.40
CA GLN C 78 1.95 12.10 0.88
C GLN C 78 2.92 11.49 -0.14
N ALA C 79 2.61 11.58 -1.43
CA ALA C 79 3.55 11.11 -2.44
C ALA C 79 4.86 11.97 -2.41
N ALA C 80 4.74 13.28 -2.21
CA ALA C 80 5.94 14.13 -2.12
C ALA C 80 6.80 13.73 -0.90
N GLU C 81 6.15 13.44 0.22
CA GLU C 81 6.88 12.89 1.38
C GLU C 81 7.57 11.57 1.04
N ASN C 82 6.87 10.68 0.35
CA ASN C 82 7.47 9.40 -0.07
C ASN C 82 8.69 9.59 -0.96
N ALA C 83 8.60 10.53 -1.90
CA ALA C 83 9.76 10.85 -2.75
C ALA C 83 10.91 11.42 -1.90
N SER C 84 10.60 12.25 -0.89
CA SER C 84 11.69 12.68 0.03
C SER C 84 12.35 11.48 0.75
N THR C 85 11.56 10.51 1.20
CA THR C 85 12.13 9.36 1.88
C THR C 85 12.91 8.53 0.89
N LEU C 86 12.43 8.40 -0.34
CA LEU C 86 13.20 7.67 -1.37
C LEU C 86 14.56 8.32 -1.55
N LEU C 87 14.58 9.65 -1.61
CA LEU C 87 15.86 10.39 -1.76
C LEU C 87 16.80 10.07 -0.57
N LEU C 88 16.27 10.10 0.66
CA LEU C 88 17.07 9.77 1.85
C LEU C 88 17.63 8.35 1.75
N LYS C 89 16.78 7.40 1.41
CA LYS C 89 17.22 6.00 1.28
C LYS C 89 18.34 5.88 0.22
N ALA C 90 18.25 6.66 -0.85
CA ALA C 90 19.26 6.60 -1.90
C ALA C 90 20.61 7.18 -1.41
N ILE C 91 20.53 8.21 -0.55
CA ILE C 91 21.76 8.78 0.03
C ILE C 91 22.44 7.73 0.91
N ASP C 92 21.65 7.06 1.75
CA ASP C 92 22.14 5.99 2.64
C ASP C 92 22.82 4.91 1.85
N ARG C 93 22.21 4.59 0.71
CA ARG C 93 22.69 3.48 -0.14
C ARG C 93 24.02 3.75 -0.84
N GLY C 94 24.42 5.01 -0.96
CA GLY C 94 25.66 5.32 -1.66
C GLY C 94 25.52 5.69 -3.12
N LEU C 95 24.28 5.87 -3.57
CA LEU C 95 24.03 6.37 -4.96
C LEU C 95 24.78 7.67 -5.20
N ALA C 96 25.38 7.79 -6.38
CA ALA C 96 26.27 8.92 -6.66
C ALA C 96 25.43 10.18 -6.90
N GLY C 97 26.09 11.34 -6.86
CA GLY C 97 25.47 12.63 -7.15
C GLY C 97 24.54 12.66 -8.35
N ALA C 98 24.97 12.14 -9.50
CA ALA C 98 24.11 12.17 -10.72
C ALA C 98 22.77 11.46 -10.53
N GLU C 99 22.82 10.28 -9.90
CA GLU C 99 21.61 9.49 -9.62
C GLU C 99 20.71 10.18 -8.59
N LEU C 100 21.32 10.69 -7.52
CA LEU C 100 20.55 11.45 -6.52
C LEU C 100 19.87 12.67 -7.10
N ARG C 101 20.59 13.37 -7.99
CA ARG C 101 20.05 14.59 -8.62
C ARG C 101 18.76 14.26 -9.41
N SER C 102 18.76 13.13 -10.12
CA SER C 102 17.57 12.67 -10.83
C SER C 102 16.41 12.38 -9.90
N ILE C 103 16.67 11.84 -8.70
CA ILE C 103 15.60 11.60 -7.77
C ILE C 103 15.17 12.98 -7.23
N TYR C 104 16.13 13.84 -6.89
CA TYR C 104 15.79 15.15 -6.30
C TYR C 104 14.92 15.98 -7.22
N LEU C 105 15.27 16.00 -8.52
CA LEU C 105 14.44 16.78 -9.46
C LEU C 105 12.92 16.40 -9.33
N GLU C 106 12.62 15.11 -9.24
CA GLU C 106 11.22 14.66 -9.08
C GLU C 106 10.69 14.90 -7.70
N THR C 107 11.54 14.75 -6.69
CA THR C 107 11.11 15.05 -5.32
C THR C 107 10.64 16.50 -5.24
N ALA C 108 11.47 17.43 -5.71
CA ALA C 108 11.12 18.84 -5.68
C ALA C 108 9.90 19.08 -6.54
N ALA C 109 9.82 18.43 -7.71
CA ALA C 109 8.66 18.63 -8.62
C ALA C 109 7.37 18.20 -7.96
N LEU C 110 7.42 17.10 -7.22
CA LEU C 110 6.21 16.62 -6.54
C LEU C 110 5.79 17.54 -5.41
N TRP C 111 6.76 18.12 -4.69
CA TRP C 111 6.42 19.12 -3.66
C TRP C 111 5.78 20.36 -4.26
N LEU C 112 6.33 20.84 -5.38
CA LEU C 112 5.76 21.99 -6.11
C LEU C 112 4.38 21.68 -6.65
N ASP C 113 4.24 20.53 -7.29
CA ASP C 113 2.93 20.11 -7.83
C ASP C 113 1.89 20.00 -6.71
N TYR C 114 2.28 19.35 -5.61
CA TYR C 114 1.45 19.30 -4.40
C TYR C 114 1.00 20.68 -3.97
N SER C 115 1.94 21.62 -3.80
CA SER C 115 1.58 22.96 -3.32
CA SER C 115 1.59 22.95 -3.31
C SER C 115 0.65 23.66 -4.28
N ARG C 116 0.87 23.45 -5.57
CA ARG C 116 0.02 24.08 -6.58
C ARG C 116 -1.40 23.52 -6.60
N LEU C 117 -1.51 22.20 -6.49
CA LEU C 117 -2.84 21.55 -6.37
C LEU C 117 -3.60 21.92 -5.10
N LEU C 118 -2.88 22.02 -3.98
CA LEU C 118 -3.42 22.44 -2.71
C LEU C 118 -4.01 23.86 -2.85
N GLY C 119 -3.25 24.78 -3.43
CA GLY C 119 -3.69 26.13 -3.68
C GLY C 119 -4.89 26.22 -4.58
N ALA C 120 -4.90 25.42 -5.65
CA ALA C 120 -6.01 25.31 -6.58
C ALA C 120 -7.26 24.80 -5.88
N ALA C 121 -7.09 23.80 -5.03
CA ALA C 121 -8.21 23.23 -4.24
C ALA C 121 -8.83 24.30 -3.35
N ARG C 122 -7.98 25.06 -2.67
CA ARG C 122 -8.45 26.16 -1.82
C ARG C 122 -9.17 27.26 -2.60
N ASP C 123 -8.68 27.55 -3.81
CA ASP C 123 -9.38 28.47 -4.73
C ASP C 123 -10.75 27.95 -5.16
N SER C 124 -10.83 26.65 -5.51
CA SER C 124 -12.10 26.01 -5.84
C SER C 124 -13.10 26.13 -4.68
N LEU C 125 -12.62 25.85 -3.46
CA LEU C 125 -13.44 25.97 -2.26
C LEU C 125 -13.97 27.38 -2.00
N ARG C 126 -13.20 28.39 -2.42
CA ARG C 126 -13.65 29.78 -2.38
C ARG C 126 -14.67 30.06 -3.50
N GLU C 127 -14.33 29.66 -4.72
CA GLU C 127 -15.22 29.72 -5.89
C GLU C 127 -16.60 29.05 -5.66
N GLN C 128 -16.70 28.17 -4.66
CA GLN C 128 -17.99 27.58 -4.29
C GLN C 128 -18.53 28.09 -2.92
N GLY C 129 -17.93 29.15 -2.40
CA GLY C 129 -18.38 29.79 -1.15
N THR C 135 -5.43 26.60 6.50
CA THR C 135 -4.76 27.71 5.81
C THR C 135 -3.27 27.44 5.57
N ALA C 136 -2.77 26.41 6.24
CA ALA C 136 -1.36 26.09 6.35
C ALA C 136 -0.72 25.71 5.00
N PRO C 137 0.45 26.28 4.71
CA PRO C 137 1.20 25.98 3.50
C PRO C 137 1.53 24.50 3.36
N ALA C 138 1.96 24.11 2.15
CA ALA C 138 2.37 22.73 1.91
C ALA C 138 3.38 22.25 2.95
N LEU C 139 4.38 23.06 3.28
CA LEU C 139 5.29 22.76 4.40
C LEU C 139 5.31 23.95 5.34
N ALA C 140 5.21 23.67 6.63
CA ALA C 140 5.20 24.71 7.65
C ALA C 140 6.45 24.48 8.50
N PRO C 141 7.57 25.14 8.15
CA PRO C 141 8.84 24.83 8.82
C PRO C 141 8.90 25.08 10.34
N ARG C 142 7.99 25.89 10.86
CA ARG C 142 7.92 26.09 12.31
C ARG C 142 7.46 24.84 13.06
N THR C 143 6.85 23.91 12.33
CA THR C 143 6.36 22.67 12.90
C THR C 143 7.41 21.56 12.71
N GLY C 144 7.03 20.33 13.03
CA GLY C 144 7.90 19.16 12.84
C GLY C 144 8.18 18.81 11.40
N GLN C 145 7.56 19.52 10.46
CA GLN C 145 7.85 19.34 9.01
C GLN C 145 9.16 20.02 8.58
N TYR C 146 9.82 20.77 9.47
CA TYR C 146 11.13 21.38 9.11
C TYR C 146 12.11 20.46 8.32
N PRO C 147 12.30 19.18 8.72
CA PRO C 147 13.26 18.35 7.99
C PRO C 147 12.97 18.21 6.50
N PHE C 148 11.70 18.24 6.07
CA PHE C 148 11.47 18.17 4.64
C PHE C 148 11.96 19.46 3.97
N ALA C 149 11.77 20.60 4.65
CA ALA C 149 12.21 21.86 4.10
C ALA C 149 13.73 21.91 4.07
N LEU C 150 14.35 21.38 5.13
CA LEU C 150 15.82 21.31 5.19
C LEU C 150 16.30 20.44 4.02
N GLN C 151 15.69 19.27 3.82
CA GLN C 151 16.12 18.39 2.68
C GLN C 151 16.01 19.10 1.31
N LEU C 152 14.89 19.77 1.07
CA LEU C 152 14.61 20.42 -0.23
C LEU C 152 15.69 21.49 -0.51
N LEU C 153 16.02 22.30 0.50
CA LEU C 153 17.03 23.36 0.27
C LEU C 153 18.45 22.80 0.26
N ALA C 154 18.78 21.98 1.26
CA ALA C 154 20.17 21.53 1.41
C ALA C 154 20.50 20.58 0.28
N MSE C 155 19.55 19.73 -0.09
CA MSE C 155 19.85 18.79 -1.20
C MSE C 155 19.85 19.54 -2.53
O MSE C 155 20.58 19.19 -3.40
CB MSE C 155 18.93 17.55 -1.21
CG MSE C 155 19.00 16.74 0.07
SE MSE C 155 20.88 16.20 0.54
CE MSE C 155 21.34 15.26 -1.10
N GLY C 156 19.08 20.62 -2.64
CA GLY C 156 19.18 21.46 -3.85
C GLY C 156 20.58 22.03 -4.04
N VAL C 157 21.21 22.48 -2.95
CA VAL C 157 22.61 22.95 -2.97
C VAL C 157 23.59 21.77 -3.26
N LEU C 158 23.42 20.66 -2.57
CA LEU C 158 24.40 19.55 -2.65
C LEU C 158 24.31 18.78 -3.96
N LEU C 159 23.21 18.97 -4.69
CA LEU C 159 23.07 18.30 -5.99
C LEU C 159 23.09 19.30 -7.15
N ASP C 160 23.60 20.51 -6.89
CA ASP C 160 23.72 21.53 -7.93
C ASP C 160 22.37 21.69 -8.70
N ALA C 161 21.28 21.83 -7.94
CA ALA C 161 19.95 22.04 -8.51
C ALA C 161 19.31 23.26 -7.82
N GLN C 162 20.12 24.29 -7.62
CA GLN C 162 19.65 25.47 -6.88
C GLN C 162 18.58 26.26 -7.66
N GLU C 163 18.43 25.98 -8.96
CA GLU C 163 17.41 26.65 -9.78
C GLU C 163 16.03 26.36 -9.23
N LEU C 164 15.90 25.28 -8.46
CA LEU C 164 14.60 24.98 -7.83
C LEU C 164 14.29 25.76 -6.55
N ILE C 165 15.32 26.27 -5.87
CA ILE C 165 15.14 26.79 -4.53
C ILE C 165 14.15 28.00 -4.47
N PRO C 166 14.27 28.98 -5.40
CA PRO C 166 13.30 30.11 -5.31
C PRO C 166 11.81 29.69 -5.40
N ALA C 167 11.50 28.83 -6.35
CA ALA C 167 10.14 28.30 -6.46
C ALA C 167 9.69 27.55 -5.19
N LEU C 168 10.57 26.69 -4.66
CA LEU C 168 10.26 25.94 -3.43
C LEU C 168 10.00 26.89 -2.25
N VAL C 169 10.90 27.85 -2.09
CA VAL C 169 10.73 28.87 -0.98
C VAL C 169 9.41 29.63 -1.12
N GLU C 170 9.10 30.10 -2.35
CA GLU C 170 7.87 30.88 -2.58
C GLU C 170 6.61 30.02 -2.45
N GLU C 171 6.59 28.86 -3.09
CA GLU C 171 5.35 28.11 -3.21
C GLU C 171 5.12 27.08 -2.13
N VAL C 172 6.16 26.34 -1.76
CA VAL C 172 6.00 25.26 -0.79
C VAL C 172 6.09 25.80 0.65
N LEU C 173 7.05 26.70 0.88
CA LEU C 173 7.29 27.25 2.21
C LEU C 173 6.52 28.54 2.43
N GLN C 174 6.00 29.11 1.33
CA GLN C 174 5.42 30.48 1.37
C GLN C 174 6.26 31.49 2.16
N PHE C 175 7.58 31.44 1.93
CA PHE C 175 8.56 32.37 2.49
C PHE C 175 8.68 32.31 4.01
N ASP C 176 8.18 31.26 4.64
CA ASP C 176 8.29 31.13 6.12
C ASP C 176 9.58 30.44 6.52
N THR C 177 10.70 31.14 6.42
CA THR C 177 11.99 30.51 6.56
C THR C 177 12.66 31.07 7.80
N ASP C 178 13.57 30.30 8.40
CA ASP C 178 14.37 30.82 9.51
C ASP C 178 15.80 31.12 9.07
N ARG C 179 16.68 31.40 10.02
CA ARG C 179 18.07 31.73 9.69
C ARG C 179 18.76 30.69 8.80
N LEU C 180 18.74 29.43 9.23
CA LEU C 180 19.40 28.38 8.45
C LEU C 180 18.85 28.26 7.02
N LEU C 181 17.52 28.17 6.88
CA LEU C 181 16.92 28.10 5.55
C LEU C 181 17.29 29.29 4.67
N ASP C 182 17.34 30.48 5.26
CA ASP C 182 17.78 31.67 4.55
C ASP C 182 19.25 31.59 4.05
N TYR C 183 20.15 31.10 4.89
CA TYR C 183 21.54 30.92 4.49
C TYR C 183 21.65 29.87 3.38
N LEU C 184 20.86 28.81 3.47
CA LEU C 184 20.87 27.77 2.43
C LEU C 184 20.33 28.30 1.09
N GLY C 185 19.40 29.24 1.15
CA GLY C 185 18.78 29.74 -0.08
C GLY C 185 19.35 31.07 -0.57
N ALA C 186 20.33 31.58 0.14
CA ALA C 186 20.84 32.95 -0.02
C ALA C 186 21.31 33.25 -1.46
N ALA C 187 22.24 32.43 -1.94
CA ALA C 187 22.78 32.52 -3.31
C ALA C 187 21.69 32.47 -4.37
N ALA C 188 20.75 31.53 -4.27
CA ALA C 188 19.64 31.41 -5.24
C ALA C 188 18.68 32.61 -5.24
N LEU C 189 18.30 33.07 -4.06
CA LEU C 189 17.30 34.14 -3.98
C LEU C 189 17.86 35.54 -4.31
N GLY C 190 19.19 35.68 -4.28
CA GLY C 190 19.83 37.00 -4.33
C GLY C 190 19.67 37.70 -2.98
N LEU C 191 19.53 36.89 -1.92
CA LEU C 191 19.41 37.38 -0.51
C LEU C 191 20.70 38.00 -0.02
N THR C 192 20.62 39.19 0.56
CA THR C 192 21.80 39.82 1.14
C THR C 192 21.72 39.84 2.68
N SER C 193 20.63 39.31 3.22
CA SER C 193 20.40 39.22 4.66
C SER C 193 19.62 37.94 5.01
N ALA C 194 19.53 37.66 6.32
CA ALA C 194 18.84 36.46 6.82
C ALA C 194 18.04 36.72 8.10
N SER C 195 16.94 35.97 8.25
CA SER C 195 16.15 35.86 9.48
C SER C 195 17.07 35.71 10.69
N GLU C 196 16.64 36.28 11.81
CA GLU C 196 17.33 36.16 13.11
C GLU C 196 16.84 34.95 13.90
N GLU C 197 15.72 34.37 13.45
CA GLU C 197 15.04 33.30 14.17
C GLU C 197 15.65 31.93 13.91
N THR C 198 15.49 31.06 14.90
CA THR C 198 15.77 29.64 14.71
C THR C 198 14.51 28.88 15.13
N PHE C 199 13.91 28.15 14.21
CA PHE C 199 12.63 27.51 14.45
C PHE C 199 12.76 26.30 15.38
N HIS C 200 13.89 25.60 15.31
CA HIS C 200 14.16 24.41 16.15
C HIS C 200 15.57 24.51 16.77
N PRO C 201 15.68 25.20 17.91
CA PRO C 201 16.97 25.46 18.58
C PRO C 201 17.80 24.18 18.80
N ARG C 202 17.12 23.05 18.97
CA ARG C 202 17.81 21.76 19.10
C ARG C 202 17.56 20.92 17.85
N PRO C 203 18.58 20.78 16.97
CA PRO C 203 19.99 21.16 17.10
C PRO C 203 20.40 22.54 16.59
N PHE C 204 19.57 23.18 15.78
CA PHE C 204 20.06 24.27 14.91
C PHE C 204 20.56 25.57 15.60
N GLY C 205 20.13 25.79 16.84
CA GLY C 205 20.65 26.92 17.65
C GLY C 205 22.17 26.88 17.85
N GLN C 206 22.73 25.66 17.74
CA GLN C 206 24.14 25.40 17.93
C GLN C 206 24.97 25.86 16.71
N LEU C 207 24.30 26.30 15.65
CA LEU C 207 24.96 26.94 14.51
C LEU C 207 25.28 28.44 14.70
N ARG C 208 24.79 29.02 15.79
CA ARG C 208 25.02 30.43 16.11
C ARG C 208 26.51 30.86 16.00
N ALA C 209 27.41 30.13 16.66
CA ALA C 209 28.83 30.51 16.65
C ALA C 209 29.37 30.63 15.22
N PHE C 210 28.98 29.69 14.35
CA PHE C 210 29.35 29.76 12.94
C PHE C 210 28.80 31.02 12.26
N PHE C 211 27.49 31.22 12.32
CA PHE C 211 26.77 32.31 11.65
C PHE C 211 27.22 33.68 12.15
N GLU C 212 27.55 33.76 13.44
CA GLU C 212 27.98 35.02 14.02
C GLU C 212 29.51 35.04 14.19
N GLU C 213 30.18 34.24 13.35
CA GLU C 213 31.64 34.23 13.16
C GLU C 213 32.37 33.36 14.17
N GLY C 216 31.58 34.93 9.86
CA GLY C 216 30.67 33.97 9.25
C GLY C 216 31.30 32.63 8.86
N SER C 217 32.45 32.66 8.19
CA SER C 217 33.08 31.45 7.60
C SER C 217 33.79 30.53 8.60
N ASP C 218 34.76 29.76 8.10
CA ASP C 218 35.63 28.83 8.86
C ASP C 218 34.93 27.50 9.16
N ALA C 219 35.37 26.45 8.49
CA ALA C 219 34.78 25.11 8.67
C ALA C 219 34.94 24.66 10.12
N GLN C 220 36.02 25.10 10.79
CA GLN C 220 36.30 24.75 12.19
C GLN C 220 35.10 25.00 13.13
N ALA C 221 34.36 26.09 12.88
CA ALA C 221 33.24 26.49 13.75
C ALA C 221 32.08 25.48 13.70
N LEU C 222 32.12 24.61 12.70
CA LEU C 222 31.10 23.60 12.52
C LEU C 222 31.52 22.23 13.04
N ALA C 223 32.80 22.07 13.37
CA ALA C 223 33.28 20.79 13.90
C ALA C 223 32.59 20.38 15.24
N PRO C 224 32.51 21.30 16.24
CA PRO C 224 31.79 20.93 17.48
C PRO C 224 30.32 20.59 17.25
N TYR C 225 29.68 21.29 16.30
CA TYR C 225 28.29 21.04 15.97
C TYR C 225 28.10 19.62 15.47
N LEU C 226 28.95 19.20 14.54
CA LEU C 226 28.89 17.82 14.08
C LEU C 226 29.16 16.82 15.21
N GLN C 227 30.11 17.15 16.11
CA GLN C 227 30.39 16.28 17.26
C GLN C 227 29.20 16.15 18.22
N SER C 228 28.61 17.27 18.63
CA SER C 228 27.60 17.25 19.69
C SER C 228 26.19 16.90 19.17
N GLN C 229 25.86 17.37 17.96
CA GLN C 229 24.49 17.24 17.44
C GLN C 229 24.29 16.01 16.56
N TYR C 230 25.40 15.42 16.15
CA TYR C 230 25.33 14.23 15.31
C TYR C 230 25.96 13.00 15.97
N ARG C 231 27.28 12.97 16.10
CA ARG C 231 27.95 11.77 16.65
CA ARG C 231 27.99 11.81 16.67
C ARG C 231 27.42 11.45 18.04
N GLU C 232 27.43 12.45 18.93
CA GLU C 232 27.03 12.22 20.33
C GLU C 232 25.52 12.01 20.53
N PHE C 233 24.71 12.44 19.58
CA PHE C 233 23.28 12.12 19.59
C PHE C 233 22.99 10.70 19.14
N PHE C 234 23.54 10.30 18.00
CA PHE C 234 23.28 8.97 17.42
C PHE C 234 24.00 7.83 18.18
N GLN C 235 24.97 8.20 19.01
CA GLN C 235 25.56 7.24 19.96
C GLN C 235 24.65 6.87 21.16
N LEU C 236 23.62 7.68 21.41
CA LEU C 236 22.60 7.35 22.41
C LEU C 236 21.69 6.22 21.95
N SER C 237 21.15 5.44 22.89
CA SER C 237 20.13 4.47 22.55
C SER C 237 18.94 5.17 21.85
N PRO C 238 18.21 4.43 20.98
CA PRO C 238 17.00 4.97 20.37
C PRO C 238 16.01 5.50 21.42
N LYS C 239 15.83 4.76 22.52
CA LYS C 239 14.99 5.18 23.64
C LYS C 239 15.48 6.52 24.25
N ALA C 240 16.78 6.65 24.51
CA ALA C 240 17.31 7.92 25.00
C ALA C 240 17.22 9.06 23.97
N GLN C 241 17.45 8.78 22.69
CA GLN C 241 17.28 9.83 21.67
C GLN C 241 15.91 10.48 21.75
N LYS C 242 14.87 9.66 21.96
CA LYS C 242 13.51 10.15 21.93
C LYS C 242 13.16 11.02 23.14
N LYS C 243 13.89 10.86 24.24
CA LYS C 243 13.63 11.66 25.43
C LYS C 243 14.27 13.06 25.35
N THR C 244 15.21 13.23 24.45
CA THR C 244 15.88 14.54 24.25
C THR C 244 14.99 15.45 23.42
N ARG C 245 15.28 16.75 23.42
CA ARG C 245 14.53 17.74 22.62
C ARG C 245 15.00 17.86 21.19
N ARG C 246 16.02 17.11 20.77
CA ARG C 246 16.56 17.34 19.46
C ARG C 246 15.53 16.99 18.38
N LEU C 247 15.39 17.85 17.36
CA LEU C 247 14.49 17.55 16.28
C LEU C 247 15.08 16.35 15.54
N THR C 248 14.25 15.41 15.14
CA THR C 248 14.67 14.40 14.17
C THR C 248 13.76 14.39 12.93
N GLY C 249 14.24 13.76 11.88
CA GLY C 249 13.48 13.71 10.63
C GLY C 249 13.76 12.40 9.94
N PRO C 250 13.17 11.30 10.45
CA PRO C 250 13.46 9.98 9.89
C PRO C 250 12.95 9.78 8.45
N TYR C 251 12.07 10.68 7.99
CA TYR C 251 11.53 10.61 6.64
C TYR C 251 12.28 11.40 5.59
N ALA C 252 13.20 12.27 6.00
CA ALA C 252 13.86 13.08 4.96
C ALA C 252 15.30 13.47 5.28
N TRP C 253 15.69 13.42 6.56
CA TRP C 253 16.98 14.03 6.99
C TRP C 253 17.86 12.96 7.59
N GLY C 254 17.29 12.16 8.50
CA GLY C 254 17.98 11.01 9.07
C GLY C 254 19.34 11.24 9.72
N TRP C 255 20.32 10.48 9.25
CA TRP C 255 21.67 10.47 9.77
C TRP C 255 22.47 11.68 9.35
N TRP C 256 22.01 12.37 8.31
CA TRP C 256 22.95 13.23 7.53
C TRP C 256 23.00 14.67 7.95
N ALA C 257 24.21 15.18 8.18
CA ALA C 257 24.43 16.61 8.41
C ALA C 257 24.34 17.42 7.12
N MSE C 258 23.12 17.44 6.56
CA MSE C 258 22.86 18.04 5.25
C MSE C 258 23.09 19.51 5.27
O MSE C 258 23.52 20.09 4.28
CB MSE C 258 21.38 17.86 4.88
CG MSE C 258 21.11 16.55 4.44
SE MSE C 258 19.12 16.43 4.22
CE MSE C 258 19.42 14.61 3.67
N GLU C 259 22.77 20.14 6.40
CA GLU C 259 22.99 21.57 6.53
C GLU C 259 24.49 21.94 6.50
N VAL C 260 25.31 21.22 7.27
CA VAL C 260 26.76 21.47 7.29
C VAL C 260 27.37 21.23 5.91
N SER C 261 26.94 20.14 5.27
CA SER C 261 27.45 19.74 3.96
C SER C 261 27.09 20.80 2.92
N ALA C 262 25.84 21.26 2.92
CA ALA C 262 25.42 22.33 2.00
C ALA C 262 26.19 23.62 2.24
N LEU C 263 26.43 23.97 3.52
CA LEU C 263 27.28 25.15 3.82
C LEU C 263 28.69 25.01 3.24
N GLY C 264 29.23 23.79 3.22
CA GLY C 264 30.57 23.62 2.59
C GLY C 264 30.56 23.99 1.10
N VAL C 265 29.45 23.68 0.44
CA VAL C 265 29.28 24.05 -0.98
C VAL C 265 29.12 25.56 -1.13
N LEU C 266 28.31 26.16 -0.26
CA LEU C 266 28.01 27.59 -0.38
C LEU C 266 29.24 28.44 -0.04
N TYR C 267 30.01 28.00 0.94
CA TYR C 267 31.18 28.77 1.41
C TYR C 267 32.49 28.45 0.72
N GLY C 268 32.63 27.23 0.20
CA GLY C 268 33.82 26.84 -0.57
C GLY C 268 35.09 26.67 0.25
N TRP C 269 34.98 26.55 1.58
CA TRP C 269 36.13 26.41 2.47
CA TRP C 269 36.22 26.46 2.34
C TRP C 269 36.78 25.03 2.38
N ASP C 270 38.00 24.90 2.88
CA ASP C 270 38.62 23.60 3.01
C ASP C 270 37.86 22.87 4.12
N ASP C 271 37.16 21.81 3.75
CA ASP C 271 36.27 21.14 4.71
C ASP C 271 36.87 19.89 5.35
N GLY C 272 38.18 19.73 5.20
CA GLY C 272 38.93 18.58 5.75
C GLY C 272 38.59 18.26 7.19
N VAL C 273 38.48 19.29 8.05
CA VAL C 273 38.13 19.05 9.48
C VAL C 273 36.73 18.42 9.65
N LEU C 274 35.86 18.63 8.68
CA LEU C 274 34.49 18.12 8.77
C LEU C 274 34.35 16.74 8.16
N ARG C 275 35.26 16.39 7.25
CA ARG C 275 35.16 15.13 6.51
C ARG C 275 35.43 13.90 7.33
N ALA C 276 36.06 14.06 8.49
CA ALA C 276 36.25 12.94 9.39
C ALA C 276 34.90 12.48 9.97
N SER C 277 33.89 13.35 9.94
CA SER C 277 32.57 13.00 10.48
C SER C 277 31.84 11.98 9.61
N PRO C 278 31.36 10.87 10.22
CA PRO C 278 30.54 9.98 9.41
C PRO C 278 29.19 10.56 8.96
N HIS C 279 28.84 11.79 9.42
CA HIS C 279 27.55 12.41 9.08
C HIS C 279 27.70 13.47 7.99
N TYR C 280 28.94 13.70 7.54
CA TYR C 280 29.20 14.70 6.54
C TYR C 280 29.19 14.09 5.15
N LEU C 281 28.56 14.75 4.19
CA LEU C 281 28.44 14.24 2.83
C LEU C 281 29.51 14.82 1.89
N GLY C 282 30.76 14.53 2.19
CA GLY C 282 31.92 15.07 1.45
C GLY C 282 31.88 14.76 -0.05
N ASP C 283 31.44 13.57 -0.43
CA ASP C 283 31.41 13.21 -1.85
C ASP C 283 30.41 14.05 -2.66
N LEU C 284 29.36 14.49 -1.99
CA LEU C 284 28.36 15.38 -2.61
C LEU C 284 28.81 16.83 -2.59
N VAL C 285 29.49 17.26 -1.52
CA VAL C 285 30.20 18.53 -1.62
C VAL C 285 31.09 18.57 -2.88
N ASP C 286 31.89 17.51 -3.11
CA ASP C 286 32.75 17.46 -4.28
C ASP C 286 31.93 17.46 -5.58
N TYR C 287 30.84 16.69 -5.59
CA TYR C 287 29.99 16.58 -6.77
C TYR C 287 29.40 17.94 -7.15
N ALA C 288 28.84 18.64 -6.16
CA ALA C 288 28.22 19.94 -6.40
C ALA C 288 29.23 20.97 -6.89
N ARG C 289 30.41 20.97 -6.26
CA ARG C 289 31.49 21.90 -6.64
C ARG C 289 31.94 21.64 -8.07
N ALA C 290 32.17 20.37 -8.40
CA ALA C 290 32.63 19.99 -9.73
C ALA C 290 31.61 20.32 -10.79
N ARG C 291 30.33 20.12 -10.46
CA ARG C 291 29.25 20.34 -11.43
C ARG C 291 29.00 21.84 -11.60
N GLY C 292 29.06 22.59 -10.49
CA GLY C 292 29.02 24.06 -10.54
C GLY C 292 30.21 24.63 -11.31
N ASP C 293 31.31 23.88 -11.33
CA ASP C 293 32.50 24.10 -12.19
C ASP C 293 33.46 25.12 -11.60
C1 EDO D . -18.07 -6.70 -3.07
O1 EDO D . -18.00 -7.68 -4.13
C2 EDO D . -18.25 -7.37 -1.71
O2 EDO D . -19.23 -8.41 -1.81
C1 EDO E . -14.53 -9.73 -38.95
O1 EDO E . -15.63 -10.12 -39.78
C2 EDO E . -14.49 -10.67 -37.76
O2 EDO E . -15.31 -11.79 -38.08
C1 EDO F . 24.11 36.57 4.12
O1 EDO F . 23.80 36.79 2.74
C2 EDO F . 23.00 35.73 4.71
O2 EDO F . 22.16 35.34 3.64
C1 EDO G . 11.03 14.96 8.04
O1 EDO G . 11.86 13.81 8.02
C2 EDO G . 10.13 14.45 9.12
O2 EDO G . 10.69 13.14 9.10
#